data_6GCJ
#
_entry.id   6GCJ
#
_entity_poly.entity_id   1
_entity_poly.type   'polypeptide(L)'
_entity_poly.pdbx_seq_one_letter_code
;SLPQHDVNAAGNGVGNKGNANVRFPVPDDITVKQATEKCGDQAQLSCCNKATYAGDVTDIDEGILAGTLKNLIGGGSGTE
GLGLFNQCSKLDLQIPIIGIPIQDLVNQKCKQNIACCQNSPSDASGSLIGLGLPCIALGSIL
;
_entity_poly.pdbx_strand_id   A
#
# COMPACT_ATOMS: atom_id res chain seq x y z
N VAL A 22 1.71 6.34 10.82
CA VAL A 22 0.83 5.32 10.31
C VAL A 22 -0.33 5.08 11.29
N ARG A 23 -1.54 5.41 10.85
CA ARG A 23 -2.73 5.27 11.70
C ARG A 23 -3.19 3.82 11.78
N PHE A 24 -2.88 3.03 10.77
CA PHE A 24 -3.25 1.62 10.75
C PHE A 24 -2.01 0.75 10.53
N PRO A 25 -1.34 0.36 11.61
CA PRO A 25 -0.10 -0.43 11.53
C PRO A 25 -0.31 -1.83 10.99
N VAL A 26 0.70 -2.31 10.26
CA VAL A 26 0.68 -3.65 9.70
C VAL A 26 1.17 -4.64 10.75
N PRO A 27 0.46 -5.77 10.95
CA PRO A 27 0.89 -6.80 11.90
C PRO A 27 2.33 -7.24 11.67
N ASP A 28 3.08 -7.34 12.76
CA ASP A 28 4.53 -7.60 12.70
C ASP A 28 4.82 -9.00 12.17
N ASP A 29 3.81 -9.86 12.21
CA ASP A 29 3.98 -11.27 11.83
C ASP A 29 3.67 -11.50 10.35
N ILE A 30 3.50 -10.42 9.59
CA ILE A 30 3.23 -10.52 8.18
C ILE A 30 4.51 -10.36 7.37
N THR A 31 4.85 -11.40 6.61
CA THR A 31 6.02 -11.34 5.75
C THR A 31 5.73 -10.51 4.51
N VAL A 32 6.77 -10.05 3.83
CA VAL A 32 6.59 -9.25 2.62
C VAL A 32 5.77 -10.04 1.58
N LYS A 33 6.01 -11.34 1.53
CA LYS A 33 5.26 -12.21 0.62
C LYS A 33 3.78 -12.29 1.02
N GLN A 34 3.53 -12.50 2.31
CA GLN A 34 2.16 -12.59 2.82
C GLN A 34 1.42 -11.28 2.64
N ALA A 35 2.13 -10.19 2.89
CA ALA A 35 1.56 -8.86 2.73
C ALA A 35 1.14 -8.61 1.29
N THR A 36 1.97 -9.07 0.36
CA THR A 36 1.68 -8.95 -1.05
C THR A 36 0.46 -9.78 -1.43
N GLU A 37 0.39 -11.00 -0.92
CA GLU A 37 -0.76 -11.86 -1.16
C GLU A 37 -2.03 -11.27 -0.57
N LYS A 38 -1.87 -10.60 0.57
CA LYS A 38 -3.00 -10.03 1.30
C LYS A 38 -3.60 -8.86 0.51
N CYS A 39 -2.75 -8.05 -0.08
CA CYS A 39 -3.22 -6.87 -0.83
C CYS A 39 -3.53 -7.19 -2.29
N GLY A 40 -3.25 -8.41 -2.72
CA GLY A 40 -3.61 -8.82 -4.06
C GLY A 40 -2.43 -8.88 -5.00
N ASP A 41 -2.63 -9.44 -6.18
CA ASP A 41 -1.55 -9.68 -7.13
C ASP A 41 -1.19 -8.41 -7.89
N GLN A 42 -2.07 -7.42 -7.86
CA GLN A 42 -1.84 -6.15 -8.55
C GLN A 42 -1.31 -5.10 -7.59
N ALA A 43 -0.86 -5.53 -6.42
CA ALA A 43 -0.36 -4.62 -5.42
C ALA A 43 1.00 -5.06 -4.91
N GLN A 44 1.83 -4.10 -4.57
CA GLN A 44 3.13 -4.37 -3.98
C GLN A 44 3.35 -3.43 -2.80
N LEU A 45 4.02 -3.93 -1.76
CA LEU A 45 4.27 -3.14 -0.57
C LEU A 45 5.21 -1.99 -0.86
N SER A 46 4.88 -0.83 -0.32
CA SER A 46 5.70 0.36 -0.49
C SER A 46 5.76 1.11 0.83
N CYS A 47 6.93 1.64 1.14
CA CYS A 47 7.15 2.35 2.39
C CYS A 47 7.33 3.84 2.12
N CYS A 48 6.42 4.65 2.66
CA CYS A 48 6.43 6.08 2.40
C CYS A 48 6.67 6.87 3.68
N ASN A 49 7.44 7.94 3.58
CA ASN A 49 7.78 8.76 4.75
C ASN A 49 6.70 9.80 5.04
N LYS A 50 5.89 10.12 4.03
CA LYS A 50 4.79 11.07 4.21
C LYS A 50 3.47 10.43 3.76
N ALA A 51 2.41 10.68 4.50
CA ALA A 51 1.11 10.09 4.21
C ALA A 51 -0.02 11.10 4.30
N THR A 52 -0.82 11.18 3.25
CA THR A 52 -2.02 12.00 3.27
C THR A 52 -3.25 11.13 3.05
N TYR A 53 -4.10 11.04 4.06
CA TYR A 53 -5.30 10.22 3.95
C TYR A 53 -6.45 11.05 3.40
N ALA A 54 -7.17 10.47 2.44
CA ALA A 54 -8.14 11.21 1.65
C ALA A 54 -9.32 11.69 2.49
N GLY A 55 -9.68 10.94 3.51
CA GLY A 55 -10.76 11.34 4.39
C GLY A 55 -10.34 12.41 5.39
N ASP A 56 -9.05 12.68 5.45
CA ASP A 56 -8.52 13.68 6.38
C ASP A 56 -8.43 15.04 5.70
N VAL A 57 -8.48 15.04 4.38
CA VAL A 57 -8.42 16.26 3.60
C VAL A 57 -9.70 16.39 2.76
N THR A 58 -10.11 17.61 2.49
CA THR A 58 -11.38 17.85 1.80
C THR A 58 -11.19 18.05 0.30
N ASP A 59 -9.98 18.40 -0.10
CA ASP A 59 -9.70 18.67 -1.52
C ASP A 59 -9.45 17.39 -2.30
N ILE A 60 -9.53 16.25 -1.61
CA ILE A 60 -9.38 14.96 -2.26
C ILE A 60 -10.64 14.13 -2.05
N ASP A 61 -11.15 13.57 -3.14
CA ASP A 61 -12.35 12.76 -3.08
C ASP A 61 -11.99 11.30 -2.82
N GLU A 62 -12.32 10.84 -1.62
CA GLU A 62 -12.02 9.47 -1.19
C GLU A 62 -12.75 8.45 -2.05
N GLY A 63 -13.90 8.82 -2.57
CA GLY A 63 -14.72 7.89 -3.34
C GLY A 63 -14.06 7.47 -4.63
N ILE A 64 -13.34 8.40 -5.25
CA ILE A 64 -12.63 8.11 -6.48
C ILE A 64 -11.47 7.16 -6.21
N LEU A 65 -10.70 7.47 -5.18
CA LEU A 65 -9.54 6.65 -4.81
C LEU A 65 -9.99 5.28 -4.32
N ALA A 66 -11.07 5.26 -3.54
CA ALA A 66 -11.63 4.02 -3.04
C ALA A 66 -12.10 3.13 -4.17
N GLY A 67 -12.61 3.75 -5.22
CA GLY A 67 -13.08 3.00 -6.38
C GLY A 67 -11.98 2.18 -7.02
N THR A 68 -10.84 2.82 -7.27
CA THR A 68 -9.72 2.14 -7.90
C THR A 68 -9.02 1.17 -6.95
N LEU A 69 -8.86 1.59 -5.70
CA LEU A 69 -8.17 0.78 -4.70
C LEU A 69 -9.03 -0.41 -4.27
N LYS A 70 -10.34 -0.27 -4.41
CA LYS A 70 -11.28 -1.34 -4.05
C LYS A 70 -10.96 -2.63 -4.78
N ASN A 71 -10.39 -2.49 -5.97
CA ASN A 71 -9.99 -3.62 -6.80
C ASN A 71 -8.93 -4.46 -6.08
N LEU A 72 -8.15 -3.82 -5.22
CA LEU A 72 -7.10 -4.50 -4.47
C LEU A 72 -7.67 -5.08 -3.17
N ILE A 73 -8.68 -4.41 -2.63
CA ILE A 73 -9.33 -4.87 -1.41
C ILE A 73 -10.16 -6.11 -1.69
N GLY A 74 -10.85 -6.11 -2.82
CA GLY A 74 -11.67 -7.23 -3.21
C GLY A 74 -12.97 -7.30 -2.44
N GLY A 75 -12.86 -7.62 -1.16
CA GLY A 75 -14.02 -7.68 -0.31
C GLY A 75 -13.68 -7.27 1.11
N GLY A 76 -14.09 -6.07 1.49
CA GLY A 76 -13.77 -5.56 2.80
C GLY A 76 -14.00 -4.07 2.87
N SER A 77 -13.54 -3.44 3.94
CA SER A 77 -13.69 -2.00 4.11
C SER A 77 -12.53 -1.42 4.90
N GLY A 78 -11.91 -0.38 4.36
CA GLY A 78 -10.83 0.27 5.08
C GLY A 78 -10.30 1.49 4.34
N THR A 79 -11.20 2.37 3.93
CA THR A 79 -10.81 3.57 3.20
C THR A 79 -10.16 4.59 4.12
N GLU A 80 -10.28 4.37 5.42
CA GLU A 80 -9.70 5.26 6.43
C GLU A 80 -8.18 5.30 6.36
N GLY A 81 -7.60 4.34 5.63
CA GLY A 81 -6.17 4.32 5.44
C GLY A 81 -5.81 4.49 3.99
N LEU A 82 -6.70 5.10 3.23
CA LEU A 82 -6.54 5.27 1.80
C LEU A 82 -6.26 6.74 1.47
N GLY A 83 -5.41 6.98 0.48
CA GLY A 83 -5.14 8.35 0.08
C GLY A 83 -3.90 8.47 -0.78
N LEU A 84 -3.22 9.59 -0.66
CA LEU A 84 -2.01 9.84 -1.45
C LEU A 84 -0.79 9.74 -0.56
N PHE A 85 0.17 8.96 -1.01
CA PHE A 85 1.40 8.76 -0.25
C PHE A 85 2.58 9.34 -1.01
N ASN A 86 3.41 10.12 -0.31
CA ASN A 86 4.51 10.83 -0.95
C ASN A 86 5.85 10.41 -0.35
N GLN A 87 6.92 10.55 -1.14
CA GLN A 87 8.27 10.17 -0.69
C GLN A 87 8.28 8.70 -0.33
N CYS A 88 7.94 7.87 -1.29
CA CYS A 88 7.75 6.45 -1.04
C CYS A 88 8.76 5.61 -1.81
N SER A 89 9.01 4.41 -1.31
CA SER A 89 9.93 3.48 -1.95
C SER A 89 9.34 2.08 -1.88
N LYS A 90 9.32 1.39 -3.02
CA LYS A 90 8.74 0.05 -3.10
C LYS A 90 9.60 -0.98 -2.39
N LEU A 91 8.97 -1.99 -1.82
CA LEU A 91 9.69 -3.07 -1.16
C LEU A 91 9.79 -4.26 -2.08
N ASP A 92 11.01 -4.72 -2.32
CA ASP A 92 11.24 -5.81 -3.26
C ASP A 92 11.01 -7.16 -2.58
N LEU A 93 10.32 -8.04 -3.29
CA LEU A 93 9.96 -9.35 -2.76
C LEU A 93 11.18 -10.23 -2.57
N GLN A 94 11.26 -10.86 -1.40
CA GLN A 94 12.30 -11.83 -1.12
C GLN A 94 11.88 -13.18 -1.66
N ILE A 95 12.86 -14.03 -1.96
CA ILE A 95 12.59 -15.32 -2.59
C ILE A 95 11.89 -16.26 -1.60
N PRO A 96 10.65 -16.68 -1.93
CA PRO A 96 9.86 -17.58 -1.08
C PRO A 96 10.57 -18.91 -0.80
N ILE A 97 11.14 -19.01 0.39
CA ILE A 97 11.84 -20.21 0.83
C ILE A 97 12.96 -20.58 -0.15
N ILE A 98 14.06 -19.84 -0.06
CA ILE A 98 15.21 -20.10 -0.91
C ILE A 98 16.15 -21.12 -0.23
N GLY A 99 15.63 -22.32 -0.05
CA GLY A 99 16.37 -23.36 0.64
C GLY A 99 16.28 -23.21 2.14
N ILE A 100 16.63 -22.03 2.62
CA ILE A 100 16.51 -21.69 4.02
C ILE A 100 15.15 -21.05 4.29
N PRO A 101 14.42 -21.52 5.32
CA PRO A 101 13.11 -20.97 5.66
C PRO A 101 13.22 -19.60 6.31
N ILE A 102 13.42 -18.58 5.49
CA ILE A 102 13.54 -17.22 5.96
C ILE A 102 12.18 -16.54 5.98
N GLN A 103 11.83 -15.94 7.10
CA GLN A 103 10.56 -15.26 7.23
C GLN A 103 10.77 -13.76 7.30
N ASP A 104 10.93 -13.15 6.13
CA ASP A 104 11.17 -11.73 6.03
C ASP A 104 9.91 -10.92 6.32
N LEU A 105 9.87 -10.34 7.51
CA LEU A 105 8.73 -9.56 7.97
C LEU A 105 8.84 -8.11 7.51
N VAL A 106 7.73 -7.55 7.07
CA VAL A 106 7.69 -6.18 6.54
C VAL A 106 8.12 -5.15 7.59
N ASN A 107 7.69 -5.32 8.82
CA ASN A 107 8.02 -4.38 9.90
C ASN A 107 9.49 -4.48 10.29
N GLN A 108 10.12 -5.57 9.87
CA GLN A 108 11.49 -5.84 10.28
C GLN A 108 12.48 -5.11 9.38
N LYS A 109 12.09 -4.82 8.15
CA LYS A 109 12.98 -4.10 7.24
C LYS A 109 12.51 -2.68 7.00
N CYS A 110 11.26 -2.39 7.31
CA CYS A 110 10.70 -1.07 7.11
C CYS A 110 10.42 -0.37 8.44
N LYS A 111 10.79 0.90 8.55
CA LYS A 111 10.41 1.71 9.70
C LYS A 111 9.57 2.91 9.22
N GLN A 112 9.12 2.81 7.98
CA GLN A 112 8.29 3.83 7.36
C GLN A 112 6.86 3.31 7.21
N ASN A 113 5.94 4.20 6.82
CA ASN A 113 4.54 3.83 6.67
C ASN A 113 4.39 2.80 5.54
N ILE A 114 3.97 1.60 5.90
CA ILE A 114 3.83 0.50 4.96
C ILE A 114 2.44 0.51 4.32
N ALA A 115 2.39 0.63 3.00
CA ALA A 115 1.13 0.64 2.29
C ALA A 115 1.21 -0.22 1.03
N CYS A 116 0.06 -0.63 0.54
CA CYS A 116 -0.03 -1.40 -0.70
C CYS A 116 -0.48 -0.48 -1.83
N CYS A 117 0.28 -0.47 -2.92
CA CYS A 117 0.00 0.43 -4.01
C CYS A 117 -0.43 -0.33 -5.26
N GLN A 118 -1.37 0.26 -6.00
CA GLN A 118 -1.88 -0.33 -7.22
C GLN A 118 -0.82 -0.27 -8.32
N ASN A 119 -0.49 -1.42 -8.87
CA ASN A 119 0.51 -1.52 -9.92
C ASN A 119 -0.15 -1.55 -11.29
N SER A 120 -1.15 -0.72 -11.45
CA SER A 120 -1.88 -0.64 -12.71
C SER A 120 -2.07 0.82 -13.12
N PRO A 121 -1.24 1.31 -14.05
CA PRO A 121 -1.32 2.70 -14.52
C PRO A 121 -2.55 2.95 -15.38
N SER A 122 -3.58 3.51 -14.76
CA SER A 122 -4.81 3.84 -15.47
C SER A 122 -4.92 5.34 -15.64
N ASP A 123 -5.66 5.76 -16.66
CA ASP A 123 -5.82 7.19 -16.94
C ASP A 123 -7.01 7.74 -16.17
N ALA A 124 -7.67 6.86 -15.44
CA ALA A 124 -8.75 7.25 -14.56
C ALA A 124 -8.32 7.02 -13.11
N SER A 125 -8.18 8.13 -12.37
CA SER A 125 -7.71 8.06 -10.98
C SER A 125 -6.27 7.53 -10.94
N GLY A 126 -5.42 8.08 -11.79
CA GLY A 126 -4.03 7.67 -11.81
C GLY A 126 -3.12 8.68 -12.51
N SER A 127 -3.42 8.97 -13.76
CA SER A 127 -2.54 9.79 -14.58
C SER A 127 -2.68 11.29 -14.26
N LEU A 128 -3.91 11.74 -14.05
CA LEU A 128 -4.18 13.15 -13.86
C LEU A 128 -4.19 13.54 -12.38
N ILE A 129 -3.74 12.64 -11.53
CA ILE A 129 -3.63 12.93 -10.10
C ILE A 129 -2.27 12.51 -9.57
N GLY A 130 -1.24 12.88 -10.30
CA GLY A 130 0.12 12.47 -9.96
C GLY A 130 0.74 13.32 -8.88
N LEU A 131 -0.09 13.79 -7.95
CA LEU A 131 0.37 14.58 -6.82
C LEU A 131 1.01 13.67 -5.78
N GLY A 132 0.75 12.39 -5.93
CA GLY A 132 1.31 11.39 -5.05
C GLY A 132 0.99 10.00 -5.56
N LEU A 133 1.34 8.99 -4.79
CA LEU A 133 1.04 7.62 -5.17
C LEU A 133 -0.21 7.16 -4.44
N PRO A 134 -1.24 6.72 -5.17
CA PRO A 134 -2.44 6.16 -4.53
C PRO A 134 -2.13 4.79 -3.93
N CYS A 135 -2.33 4.68 -2.63
CA CYS A 135 -1.98 3.47 -1.91
C CYS A 135 -2.87 3.34 -0.68
N ILE A 136 -2.95 2.14 -0.12
CA ILE A 136 -3.74 1.93 1.08
C ILE A 136 -2.90 1.25 2.16
N ALA A 137 -3.03 1.73 3.38
CA ALA A 137 -2.35 1.11 4.52
C ALA A 137 -2.92 -0.28 4.75
N LEU A 138 -2.03 -1.29 4.72
CA LEU A 138 -2.44 -2.69 4.85
C LEU A 138 -3.18 -2.92 6.17
N GLY A 139 -2.86 -2.11 7.19
CA GLY A 139 -3.52 -2.25 8.47
C GLY A 139 -5.00 -1.90 8.41
N SER A 140 -5.42 -1.22 7.35
CA SER A 140 -6.82 -0.83 7.20
C SER A 140 -7.66 -2.00 6.67
N ILE A 141 -7.05 -2.87 5.88
CA ILE A 141 -7.77 -4.02 5.32
C ILE A 141 -7.57 -5.25 6.20
N LEU A 142 -6.65 -5.14 7.16
CA LEU A 142 -6.35 -6.22 8.10
C LEU A 142 -6.09 -7.54 7.37
N VAL A 22 1.69 6.47 10.42
CA VAL A 22 0.81 5.39 10.05
C VAL A 22 -0.35 5.28 11.05
N ARG A 23 -1.56 5.53 10.57
CA ARG A 23 -2.75 5.45 11.44
C ARG A 23 -3.18 3.99 11.64
N PHE A 24 -2.81 3.13 10.71
CA PHE A 24 -3.16 1.71 10.79
C PHE A 24 -1.92 0.83 10.59
N PRO A 25 -1.22 0.48 11.67
CA PRO A 25 0.02 -0.31 11.60
C PRO A 25 -0.22 -1.75 11.14
N VAL A 26 0.77 -2.31 10.45
CA VAL A 26 0.73 -3.70 10.03
C VAL A 26 1.34 -4.58 11.11
N PRO A 27 0.70 -5.73 11.42
CA PRO A 27 1.24 -6.68 12.39
C PRO A 27 2.68 -7.08 12.08
N ASP A 28 3.51 -7.11 13.11
CA ASP A 28 4.95 -7.31 12.95
C ASP A 28 5.29 -8.75 12.57
N ASP A 29 4.31 -9.64 12.67
CA ASP A 29 4.56 -11.06 12.43
C ASP A 29 4.28 -11.43 10.97
N ILE A 30 4.04 -10.42 10.15
CA ILE A 30 3.82 -10.63 8.73
C ILE A 30 5.14 -10.56 7.98
N THR A 31 5.44 -11.59 7.20
CA THR A 31 6.65 -11.62 6.42
C THR A 31 6.49 -10.84 5.12
N VAL A 32 7.59 -10.42 4.51
CA VAL A 32 7.53 -9.66 3.26
C VAL A 32 6.71 -10.42 2.21
N LYS A 33 6.96 -11.71 2.13
CA LYS A 33 6.28 -12.57 1.16
C LYS A 33 4.77 -12.59 1.45
N GLN A 34 4.41 -12.77 2.72
CA GLN A 34 3.00 -12.79 3.12
C GLN A 34 2.35 -11.43 2.92
N ALA A 35 3.08 -10.38 3.25
CA ALA A 35 2.58 -9.03 3.08
C ALA A 35 2.27 -8.74 1.63
N THR A 36 3.12 -9.26 0.74
CA THR A 36 2.91 -9.11 -0.69
C THR A 36 1.69 -9.89 -1.15
N GLU A 37 1.57 -11.13 -0.71
CA GLU A 37 0.45 -11.98 -1.07
C GLU A 37 -0.86 -11.39 -0.53
N LYS A 38 -0.80 -10.91 0.71
CA LYS A 38 -1.95 -10.30 1.37
C LYS A 38 -2.30 -8.97 0.71
N CYS A 39 -1.31 -8.36 0.08
CA CYS A 39 -1.48 -7.05 -0.55
C CYS A 39 -2.29 -7.15 -1.83
N GLY A 40 -2.34 -8.35 -2.41
CA GLY A 40 -3.02 -8.52 -3.68
C GLY A 40 -2.04 -8.66 -4.83
N ASP A 41 -2.55 -9.02 -6.00
CA ASP A 41 -1.68 -9.27 -7.15
C ASP A 41 -1.42 -7.99 -7.94
N GLN A 42 -2.39 -7.09 -7.97
CA GLN A 42 -2.26 -5.86 -8.75
C GLN A 42 -1.82 -4.72 -7.85
N ALA A 43 -1.25 -5.07 -6.71
CA ALA A 43 -0.79 -4.08 -5.76
C ALA A 43 0.67 -4.29 -5.45
N GLN A 44 1.40 -3.20 -5.34
CA GLN A 44 2.80 -3.27 -5.00
C GLN A 44 2.97 -2.98 -3.51
N LEU A 45 3.56 -3.92 -2.78
CA LEU A 45 3.85 -3.71 -1.37
C LEU A 45 4.89 -2.60 -1.25
N SER A 46 4.53 -1.52 -0.59
CA SER A 46 5.38 -0.34 -0.57
C SER A 46 5.40 0.31 0.80
N CYS A 47 6.52 0.94 1.12
CA CYS A 47 6.67 1.66 2.37
C CYS A 47 6.81 3.16 2.11
N CYS A 48 5.95 3.96 2.71
CA CYS A 48 5.90 5.39 2.43
C CYS A 48 6.30 6.21 3.65
N ASN A 49 7.04 7.29 3.42
CA ASN A 49 7.47 8.20 4.48
C ASN A 49 6.32 9.07 4.97
N LYS A 50 5.47 9.50 4.03
CA LYS A 50 4.38 10.40 4.36
C LYS A 50 3.05 9.80 3.92
N ALA A 51 2.03 9.97 4.75
CA ALA A 51 0.73 9.40 4.48
C ALA A 51 -0.35 10.46 4.58
N THR A 52 -1.09 10.66 3.50
CA THR A 52 -2.21 11.57 3.51
C THR A 52 -3.50 10.80 3.26
N TYR A 53 -4.38 10.80 4.25
CA TYR A 53 -5.62 10.05 4.14
C TYR A 53 -6.71 10.98 3.60
N ALA A 54 -7.48 10.48 2.63
CA ALA A 54 -8.37 11.32 1.84
C ALA A 54 -9.51 11.90 2.68
N GLY A 55 -9.91 11.17 3.70
CA GLY A 55 -10.93 11.66 4.60
C GLY A 55 -10.47 12.87 5.39
N ASP A 56 -9.17 13.03 5.51
CA ASP A 56 -8.59 14.12 6.30
C ASP A 56 -8.35 15.37 5.45
N VAL A 57 -8.31 15.19 4.14
CA VAL A 57 -8.04 16.28 3.22
C VAL A 57 -9.20 16.47 2.24
N THR A 58 -9.66 17.70 2.12
CA THR A 58 -10.83 17.99 1.28
C THR A 58 -10.42 18.28 -0.16
N ASP A 59 -9.11 18.37 -0.39
CA ASP A 59 -8.58 18.64 -1.72
C ASP A 59 -8.46 17.35 -2.54
N ILE A 60 -8.90 16.25 -1.95
CA ILE A 60 -8.92 14.97 -2.63
C ILE A 60 -10.33 14.39 -2.60
N ASP A 61 -10.77 13.83 -3.71
CA ASP A 61 -12.11 13.27 -3.78
C ASP A 61 -12.12 11.82 -3.33
N GLU A 62 -12.71 11.60 -2.15
CA GLU A 62 -12.80 10.27 -1.55
C GLU A 62 -13.48 9.29 -2.49
N GLY A 63 -14.48 9.75 -3.22
CA GLY A 63 -15.28 8.87 -4.06
C GLY A 63 -14.48 8.26 -5.20
N ILE A 64 -13.71 9.08 -5.89
CA ILE A 64 -12.90 8.61 -7.00
C ILE A 64 -11.82 7.66 -6.50
N LEU A 65 -11.17 8.07 -5.43
CA LEU A 65 -10.07 7.30 -4.86
C LEU A 65 -10.58 5.98 -4.30
N ALA A 66 -11.73 6.01 -3.64
CA ALA A 66 -12.32 4.81 -3.08
C ALA A 66 -12.76 3.87 -4.20
N GLY A 67 -13.41 4.42 -5.22
CA GLY A 67 -13.90 3.61 -6.31
C GLY A 67 -12.78 2.86 -7.04
N THR A 68 -11.68 3.54 -7.27
CA THR A 68 -10.56 2.96 -7.98
C THR A 68 -9.84 1.91 -7.15
N LEU A 69 -9.59 2.22 -5.88
CA LEU A 69 -8.86 1.33 -5.00
C LEU A 69 -9.75 0.15 -4.58
N LYS A 70 -11.06 0.36 -4.57
CA LYS A 70 -12.01 -0.69 -4.22
C LYS A 70 -11.89 -1.87 -5.19
N ASN A 71 -11.61 -1.55 -6.44
CA ASN A 71 -11.44 -2.58 -7.48
C ASN A 71 -10.17 -3.38 -7.23
N LEU A 72 -9.24 -2.79 -6.50
CA LEU A 72 -7.99 -3.44 -6.17
C LEU A 72 -8.18 -4.32 -4.95
N ILE A 73 -8.99 -3.85 -4.00
CA ILE A 73 -9.28 -4.58 -2.78
C ILE A 73 -10.19 -5.76 -3.08
N GLY A 74 -11.22 -5.52 -3.88
CA GLY A 74 -12.17 -6.55 -4.22
C GLY A 74 -13.53 -6.28 -3.63
N GLY A 75 -13.85 -6.93 -2.53
CA GLY A 75 -15.14 -6.76 -1.90
C GLY A 75 -15.04 -5.96 -0.61
N GLY A 76 -14.31 -4.86 -0.66
CA GLY A 76 -14.16 -4.02 0.51
C GLY A 76 -13.68 -2.64 0.13
N SER A 77 -13.91 -1.67 1.02
CA SER A 77 -13.50 -0.31 0.77
C SER A 77 -13.10 0.37 2.08
N GLY A 78 -11.97 -0.05 2.64
CA GLY A 78 -11.49 0.52 3.88
C GLY A 78 -10.89 1.89 3.68
N THR A 79 -11.76 2.89 3.52
CA THR A 79 -11.34 4.26 3.28
C THR A 79 -10.53 4.82 4.44
N GLU A 80 -10.67 4.19 5.59
CA GLU A 80 -9.99 4.61 6.81
C GLU A 80 -8.48 4.63 6.61
N GLY A 81 -7.97 3.74 5.75
CA GLY A 81 -6.55 3.71 5.47
C GLY A 81 -6.25 4.10 4.05
N LEU A 82 -7.21 4.74 3.39
CA LEU A 82 -7.09 5.10 1.99
C LEU A 82 -6.66 6.55 1.83
N GLY A 83 -5.83 6.82 0.84
CA GLY A 83 -5.44 8.19 0.57
C GLY A 83 -4.32 8.29 -0.44
N LEU A 84 -3.64 9.43 -0.41
CA LEU A 84 -2.55 9.70 -1.34
C LEU A 84 -1.24 9.65 -0.57
N PHE A 85 -0.30 8.85 -1.05
CA PHE A 85 0.94 8.62 -0.33
C PHE A 85 2.12 9.18 -1.09
N ASN A 86 3.05 9.81 -0.37
CA ASN A 86 4.20 10.45 -0.97
C ASN A 86 5.49 9.90 -0.39
N GLN A 87 6.57 9.93 -1.17
CA GLN A 87 7.87 9.45 -0.73
C GLN A 87 7.79 7.97 -0.36
N CYS A 88 7.41 7.15 -1.33
CA CYS A 88 7.17 5.75 -1.06
C CYS A 88 8.12 4.87 -1.87
N SER A 89 8.62 3.82 -1.24
CA SER A 89 9.57 2.92 -1.88
C SER A 89 9.04 1.50 -1.85
N LYS A 90 9.11 0.83 -3.00
CA LYS A 90 8.67 -0.56 -3.12
C LYS A 90 9.56 -1.47 -2.29
N LEU A 91 8.98 -2.54 -1.77
CA LEU A 91 9.72 -3.51 -0.98
C LEU A 91 10.13 -4.69 -1.85
N ASP A 92 11.33 -5.18 -1.64
CA ASP A 92 11.90 -6.25 -2.46
C ASP A 92 11.50 -7.63 -1.94
N LEU A 93 11.20 -8.52 -2.87
CA LEU A 93 10.86 -9.89 -2.53
C LEU A 93 12.10 -10.77 -2.55
N GLN A 94 12.36 -11.42 -1.44
CA GLN A 94 13.47 -12.36 -1.35
C GLN A 94 13.19 -13.58 -2.22
N ILE A 95 14.23 -14.04 -2.89
CA ILE A 95 14.11 -15.16 -3.82
C ILE A 95 14.52 -16.45 -3.13
N PRO A 96 13.61 -17.44 -3.05
CA PRO A 96 13.85 -18.72 -2.38
C PRO A 96 15.20 -19.34 -2.73
N ILE A 97 16.04 -19.48 -1.72
CA ILE A 97 17.37 -20.09 -1.84
C ILE A 97 18.35 -19.16 -2.57
N ILE A 98 18.05 -18.84 -3.81
CA ILE A 98 18.94 -18.04 -4.62
C ILE A 98 18.54 -16.57 -4.57
N GLY A 99 18.94 -15.91 -3.50
CA GLY A 99 18.60 -14.51 -3.32
C GLY A 99 17.99 -14.23 -1.96
N ILE A 100 18.77 -14.47 -0.91
CA ILE A 100 18.32 -14.30 0.47
C ILE A 100 17.22 -15.31 0.82
N PRO A 101 17.63 -16.50 1.28
CA PRO A 101 16.70 -17.57 1.66
C PRO A 101 16.03 -17.34 3.03
N ILE A 102 15.69 -16.09 3.32
CA ILE A 102 15.07 -15.76 4.58
C ILE A 102 13.70 -15.15 4.38
N GLN A 103 12.69 -15.76 4.96
CA GLN A 103 11.34 -15.23 4.91
C GLN A 103 11.16 -14.25 6.07
N ASP A 104 11.74 -13.08 5.91
CA ASP A 104 11.84 -12.10 6.99
C ASP A 104 10.56 -11.29 7.15
N LEU A 105 10.40 -10.75 8.35
CA LEU A 105 9.24 -9.95 8.70
C LEU A 105 9.31 -8.58 8.03
N VAL A 106 8.18 -8.16 7.48
CA VAL A 106 8.12 -6.93 6.69
C VAL A 106 8.39 -5.69 7.54
N ASN A 107 7.95 -5.71 8.80
CA ASN A 107 8.18 -4.60 9.72
C ASN A 107 9.64 -4.53 10.14
N GLN A 108 10.39 -5.58 9.87
CA GLN A 108 11.76 -5.69 10.36
C GLN A 108 12.72 -4.93 9.44
N LYS A 109 12.34 -4.78 8.18
CA LYS A 109 13.19 -4.07 7.22
C LYS A 109 12.59 -2.73 6.84
N CYS A 110 11.33 -2.53 7.20
CA CYS A 110 10.64 -1.28 6.90
C CYS A 110 10.46 -0.44 8.17
N LYS A 111 10.74 0.86 8.06
CA LYS A 111 10.50 1.80 9.16
C LYS A 111 9.52 2.89 8.73
N GLN A 112 8.96 2.72 7.54
CA GLN A 112 7.99 3.65 6.99
C GLN A 112 6.62 3.00 7.01
N ASN A 113 5.56 3.75 6.76
CA ASN A 113 4.22 3.17 6.78
C ASN A 113 4.03 2.23 5.59
N ILE A 114 3.48 1.04 5.84
CA ILE A 114 3.33 0.02 4.81
C ILE A 114 1.95 0.11 4.17
N ALA A 115 1.91 0.23 2.85
CA ALA A 115 0.65 0.39 2.14
C ALA A 115 0.64 -0.42 0.85
N CYS A 116 -0.57 -0.69 0.38
CA CYS A 116 -0.76 -1.33 -0.92
C CYS A 116 -1.06 -0.27 -1.97
N CYS A 117 -0.22 -0.21 -2.99
CA CYS A 117 -0.37 0.79 -4.03
C CYS A 117 -0.76 0.14 -5.35
N GLN A 118 -1.66 0.80 -6.07
CA GLN A 118 -2.13 0.29 -7.35
C GLN A 118 -1.02 0.38 -8.38
N ASN A 119 -0.83 -0.71 -9.14
CA ASN A 119 0.23 -0.77 -10.14
C ASN A 119 -0.19 -0.06 -11.43
N SER A 120 -0.95 1.00 -11.29
CA SER A 120 -1.43 1.75 -12.43
C SER A 120 -1.41 3.25 -12.12
N PRO A 121 -0.61 4.03 -12.88
CA PRO A 121 -0.50 5.48 -12.70
C PRO A 121 -1.87 6.18 -12.72
N SER A 122 -2.04 7.16 -11.85
CA SER A 122 -3.30 7.88 -11.73
C SER A 122 -3.44 8.93 -12.82
N ASP A 123 -2.51 8.92 -13.77
CA ASP A 123 -2.48 9.92 -14.83
C ASP A 123 -3.72 9.78 -15.73
N ALA A 124 -4.21 8.56 -15.88
CA ALA A 124 -5.41 8.31 -16.66
C ALA A 124 -6.63 8.93 -16.00
N SER A 125 -6.56 9.10 -14.68
CA SER A 125 -7.66 9.69 -13.93
C SER A 125 -7.49 11.21 -13.85
N GLY A 126 -6.36 11.69 -14.34
CA GLY A 126 -6.11 13.11 -14.35
C GLY A 126 -4.67 13.43 -14.65
N SER A 127 -4.44 14.39 -15.54
CA SER A 127 -3.09 14.77 -15.93
C SER A 127 -2.49 15.75 -14.93
N LEU A 128 -3.33 16.27 -14.04
CA LEU A 128 -2.89 17.24 -13.06
C LEU A 128 -2.88 16.66 -11.65
N ILE A 129 -3.03 15.35 -11.52
CA ILE A 129 -3.11 14.74 -10.19
C ILE A 129 -1.94 13.79 -9.92
N GLY A 130 -0.79 14.12 -10.48
CA GLY A 130 0.41 13.34 -10.22
C GLY A 130 1.07 13.78 -8.92
N LEU A 131 0.23 14.01 -7.92
CA LEU A 131 0.67 14.61 -6.66
C LEU A 131 1.14 13.55 -5.68
N GLY A 132 1.04 12.29 -6.08
CA GLY A 132 1.44 11.20 -5.23
C GLY A 132 0.95 9.87 -5.78
N LEU A 133 0.99 8.83 -4.97
CA LEU A 133 0.50 7.54 -5.40
C LEU A 133 -0.73 7.16 -4.59
N PRO A 134 -1.76 6.59 -5.24
CA PRO A 134 -2.93 6.09 -4.54
C PRO A 134 -2.62 4.76 -3.86
N CYS A 135 -2.80 4.72 -2.55
CA CYS A 135 -2.43 3.55 -1.78
C CYS A 135 -3.35 3.40 -0.56
N ILE A 136 -3.44 2.19 -0.05
CA ILE A 136 -4.19 1.95 1.18
C ILE A 136 -3.30 1.26 2.21
N ALA A 137 -3.30 1.80 3.43
CA ALA A 137 -2.53 1.24 4.52
C ALA A 137 -3.03 -0.17 4.85
N LEU A 138 -2.14 -1.14 4.75
CA LEU A 138 -2.51 -2.55 4.90
C LEU A 138 -3.01 -2.85 6.33
N GLY A 139 -2.64 -2.00 7.28
CA GLY A 139 -3.06 -2.19 8.64
C GLY A 139 -4.53 -1.90 8.86
N SER A 140 -5.20 -1.33 7.86
CA SER A 140 -6.62 -1.01 7.98
C SER A 140 -7.48 -2.25 7.82
N ILE A 141 -6.96 -3.23 7.09
CA ILE A 141 -7.69 -4.47 6.87
C ILE A 141 -7.28 -5.54 7.87
N LEU A 142 -6.20 -5.26 8.63
CA LEU A 142 -5.68 -6.15 9.68
C LEU A 142 -5.73 -7.61 9.27
N VAL A 22 0.62 6.55 10.95
CA VAL A 22 -0.18 5.45 10.44
C VAL A 22 -1.24 5.04 11.47
N ARG A 23 -2.51 5.20 11.09
CA ARG A 23 -3.61 4.85 12.00
C ARG A 23 -3.83 3.34 12.04
N PHE A 24 -3.43 2.65 11.00
CA PHE A 24 -3.62 1.20 10.94
C PHE A 24 -2.28 0.51 10.73
N PRO A 25 -1.56 0.20 11.82
CA PRO A 25 -0.27 -0.48 11.74
C PRO A 25 -0.40 -1.94 11.29
N VAL A 26 0.61 -2.41 10.59
CA VAL A 26 0.67 -3.78 10.13
C VAL A 26 1.23 -4.67 11.22
N PRO A 27 0.58 -5.81 11.52
CA PRO A 27 1.09 -6.79 12.49
C PRO A 27 2.55 -7.17 12.21
N ASP A 28 3.33 -7.23 13.28
CA ASP A 28 4.78 -7.47 13.17
C ASP A 28 5.10 -8.90 12.72
N ASP A 29 4.10 -9.77 12.70
CA ASP A 29 4.31 -11.16 12.33
C ASP A 29 4.13 -11.37 10.83
N ILE A 30 3.87 -10.28 10.11
CA ILE A 30 3.68 -10.36 8.66
C ILE A 30 5.02 -10.25 7.95
N THR A 31 5.28 -11.21 7.09
CA THR A 31 6.50 -11.21 6.28
C THR A 31 6.27 -10.43 4.99
N VAL A 32 7.34 -9.99 4.34
CA VAL A 32 7.21 -9.19 3.13
C VAL A 32 6.39 -9.95 2.07
N LYS A 33 6.59 -11.25 2.00
CA LYS A 33 5.88 -12.09 1.06
C LYS A 33 4.40 -12.17 1.43
N GLN A 34 4.11 -12.41 2.71
CA GLN A 34 2.72 -12.47 3.17
C GLN A 34 2.02 -11.14 2.97
N ALA A 35 2.73 -10.05 3.25
CA ALA A 35 2.17 -8.71 3.11
C ALA A 35 1.78 -8.45 1.66
N THR A 36 2.65 -8.87 0.74
CA THR A 36 2.39 -8.69 -0.67
C THR A 36 1.21 -9.57 -1.13
N GLU A 37 1.24 -10.84 -0.73
CA GLU A 37 0.20 -11.78 -1.13
C GLU A 37 -1.14 -11.41 -0.51
N LYS A 38 -1.07 -10.76 0.65
CA LYS A 38 -2.26 -10.27 1.34
C LYS A 38 -3.03 -9.29 0.47
N CYS A 39 -2.29 -8.42 -0.22
CA CYS A 39 -2.91 -7.43 -1.09
C CYS A 39 -3.03 -7.91 -2.53
N GLY A 40 -2.23 -8.91 -2.90
CA GLY A 40 -2.36 -9.52 -4.21
C GLY A 40 -1.23 -9.12 -5.13
N ASP A 41 -1.24 -9.68 -6.34
CA ASP A 41 -0.15 -9.48 -7.30
C ASP A 41 -0.37 -8.22 -8.13
N GLN A 42 -1.54 -7.60 -7.99
CA GLN A 42 -1.84 -6.38 -8.72
C GLN A 42 -1.52 -5.14 -7.87
N ALA A 43 -0.95 -5.38 -6.70
CA ALA A 43 -0.62 -4.29 -5.80
C ALA A 43 0.86 -4.36 -5.43
N GLN A 44 1.45 -3.20 -5.21
CA GLN A 44 2.85 -3.12 -4.83
C GLN A 44 2.96 -2.81 -3.35
N LEU A 45 3.63 -3.70 -2.61
CA LEU A 45 3.94 -3.43 -1.22
C LEU A 45 5.01 -2.35 -1.14
N SER A 46 4.68 -1.22 -0.53
CA SER A 46 5.57 -0.08 -0.58
C SER A 46 5.72 0.57 0.79
N CYS A 47 6.90 1.14 1.02
CA CYS A 47 7.17 1.90 2.23
C CYS A 47 7.10 3.39 1.93
N CYS A 48 6.18 4.09 2.57
CA CYS A 48 6.02 5.52 2.32
C CYS A 48 6.31 6.34 3.57
N ASN A 49 7.16 7.36 3.41
CA ASN A 49 7.55 8.22 4.52
C ASN A 49 6.45 9.22 4.85
N LYS A 50 5.61 9.53 3.87
CA LYS A 50 4.50 10.45 4.07
C LYS A 50 3.19 9.80 3.66
N ALA A 51 2.15 10.02 4.45
CA ALA A 51 0.85 9.44 4.16
C ALA A 51 -0.26 10.46 4.32
N THR A 52 -1.01 10.70 3.26
CA THR A 52 -2.13 11.63 3.31
C THR A 52 -3.44 10.88 3.09
N TYR A 53 -4.29 10.90 4.10
CA TYR A 53 -5.57 10.21 4.01
C TYR A 53 -6.62 11.13 3.40
N ALA A 54 -7.27 10.65 2.34
CA ALA A 54 -8.12 11.49 1.51
C ALA A 54 -9.35 12.00 2.25
N GLY A 55 -9.87 11.19 3.15
CA GLY A 55 -11.01 11.58 3.94
C GLY A 55 -10.66 12.61 5.00
N ASP A 56 -9.37 12.87 5.18
CA ASP A 56 -8.92 13.85 6.16
C ASP A 56 -8.58 15.17 5.49
N VAL A 57 -8.41 15.15 4.17
CA VAL A 57 -8.09 16.34 3.41
C VAL A 57 -9.14 16.61 2.33
N THR A 58 -9.61 17.84 2.27
CA THR A 58 -10.69 18.20 1.36
C THR A 58 -10.18 18.51 -0.06
N ASP A 59 -8.87 18.59 -0.20
CA ASP A 59 -8.25 18.86 -1.50
C ASP A 59 -8.13 17.59 -2.33
N ILE A 60 -8.55 16.46 -1.76
CA ILE A 60 -8.50 15.19 -2.45
C ILE A 60 -9.88 14.56 -2.48
N ASP A 61 -10.21 13.90 -3.59
CA ASP A 61 -11.52 13.27 -3.75
C ASP A 61 -11.50 11.84 -3.21
N GLU A 62 -11.97 11.66 -1.99
CA GLU A 62 -12.03 10.34 -1.36
C GLU A 62 -12.99 9.43 -2.12
N GLY A 63 -14.05 10.02 -2.67
CA GLY A 63 -15.08 9.25 -3.34
C GLY A 63 -14.55 8.50 -4.54
N ILE A 64 -13.66 9.14 -5.28
CA ILE A 64 -13.09 8.54 -6.47
C ILE A 64 -12.12 7.43 -6.08
N LEU A 65 -11.23 7.74 -5.16
CA LEU A 65 -10.19 6.81 -4.74
C LEU A 65 -10.81 5.55 -4.14
N ALA A 66 -11.87 5.73 -3.36
CA ALA A 66 -12.58 4.62 -2.77
C ALA A 66 -13.18 3.73 -3.84
N GLY A 67 -13.66 4.34 -4.91
CA GLY A 67 -14.24 3.59 -6.01
C GLY A 67 -13.20 2.84 -6.82
N THR A 68 -12.11 3.52 -7.16
CA THR A 68 -11.10 2.94 -8.04
C THR A 68 -10.28 1.87 -7.34
N LEU A 69 -9.84 2.15 -6.11
CA LEU A 69 -8.99 1.22 -5.39
C LEU A 69 -9.79 0.02 -4.90
N LYS A 70 -11.10 0.21 -4.72
CA LYS A 70 -11.98 -0.88 -4.29
C LYS A 70 -11.89 -2.05 -5.26
N ASN A 71 -11.66 -1.74 -6.53
CA ASN A 71 -11.51 -2.78 -7.56
C ASN A 71 -10.23 -3.56 -7.34
N LEU A 72 -9.26 -2.94 -6.68
CA LEU A 72 -7.99 -3.61 -6.36
C LEU A 72 -8.15 -4.45 -5.09
N ILE A 73 -8.96 -3.94 -4.17
CA ILE A 73 -9.24 -4.66 -2.94
C ILE A 73 -10.11 -5.88 -3.20
N GLY A 74 -11.10 -5.69 -4.07
CA GLY A 74 -12.02 -6.75 -4.41
C GLY A 74 -13.29 -6.64 -3.59
N GLY A 75 -13.41 -7.49 -2.59
CA GLY A 75 -14.58 -7.46 -1.73
C GLY A 75 -14.28 -6.82 -0.39
N GLY A 76 -14.31 -5.50 -0.36
CA GLY A 76 -14.06 -4.77 0.87
C GLY A 76 -13.62 -3.35 0.60
N SER A 77 -13.50 -2.56 1.66
CA SER A 77 -13.08 -1.17 1.53
C SER A 77 -12.60 -0.66 2.88
N GLY A 78 -11.70 0.31 2.85
CA GLY A 78 -11.15 0.85 4.08
C GLY A 78 -10.66 2.27 3.90
N THR A 79 -11.60 3.18 3.69
CA THR A 79 -11.28 4.56 3.37
C THR A 79 -10.50 5.24 4.50
N GLU A 80 -10.68 4.74 5.71
CA GLU A 80 -10.03 5.28 6.89
C GLU A 80 -8.51 5.24 6.75
N GLY A 81 -8.02 4.36 5.89
CA GLY A 81 -6.60 4.26 5.64
C GLY A 81 -6.28 4.45 4.16
N LEU A 82 -7.15 5.19 3.47
CA LEU A 82 -7.03 5.37 2.03
C LEU A 82 -6.62 6.81 1.71
N GLY A 83 -5.89 6.98 0.62
CA GLY A 83 -5.55 8.31 0.15
C GLY A 83 -4.33 8.33 -0.74
N LEU A 84 -3.59 9.42 -0.68
CA LEU A 84 -2.41 9.59 -1.51
C LEU A 84 -1.16 9.44 -0.67
N PHE A 85 -0.24 8.61 -1.12
CA PHE A 85 0.99 8.36 -0.41
C PHE A 85 2.18 8.92 -1.20
N ASN A 86 3.09 9.57 -0.50
CA ASN A 86 4.22 10.25 -1.14
C ASN A 86 5.53 9.74 -0.58
N GLN A 87 6.57 9.76 -1.41
CA GLN A 87 7.88 9.23 -1.04
C GLN A 87 7.80 7.74 -0.76
N CYS A 88 7.23 7.01 -1.70
CA CYS A 88 7.08 5.56 -1.59
C CYS A 88 8.27 4.85 -2.22
N SER A 89 8.77 3.84 -1.52
CA SER A 89 9.86 3.02 -2.02
C SER A 89 9.39 1.59 -2.24
N LYS A 90 9.92 0.94 -3.26
CA LYS A 90 9.56 -0.45 -3.56
C LYS A 90 10.28 -1.37 -2.58
N LEU A 91 9.56 -2.32 -2.02
CA LEU A 91 10.17 -3.26 -1.07
C LEU A 91 10.73 -4.47 -1.80
N ASP A 92 11.91 -4.89 -1.37
CA ASP A 92 12.61 -6.00 -1.98
C ASP A 92 11.98 -7.33 -1.57
N LEU A 93 11.29 -7.96 -2.52
CA LEU A 93 10.70 -9.26 -2.29
C LEU A 93 11.61 -10.33 -2.86
N GLN A 94 12.07 -11.23 -2.01
CA GLN A 94 12.83 -12.37 -2.48
C GLN A 94 11.91 -13.57 -2.60
N ILE A 95 12.09 -14.33 -3.67
CA ILE A 95 11.27 -15.49 -3.94
C ILE A 95 11.55 -16.59 -2.94
N PRO A 96 10.52 -17.09 -2.22
CA PRO A 96 10.67 -18.23 -1.32
C PRO A 96 11.04 -19.49 -2.11
N ILE A 97 12.33 -19.77 -2.15
CA ILE A 97 12.83 -20.90 -2.90
C ILE A 97 12.65 -22.18 -2.09
N ILE A 98 11.94 -23.15 -2.67
CA ILE A 98 11.72 -24.45 -2.05
C ILE A 98 13.05 -25.14 -1.77
N GLY A 99 13.54 -24.99 -0.54
CA GLY A 99 14.84 -25.53 -0.18
C GLY A 99 15.54 -24.62 0.80
N ILE A 100 15.26 -23.33 0.70
CA ILE A 100 15.82 -22.35 1.62
C ILE A 100 14.71 -21.49 2.21
N PRO A 101 14.33 -21.75 3.48
CA PRO A 101 13.25 -21.01 4.16
C PRO A 101 13.61 -19.56 4.43
N ILE A 102 13.52 -18.73 3.41
CA ILE A 102 13.74 -17.31 3.56
C ILE A 102 12.40 -16.60 3.71
N GLN A 103 12.17 -16.01 4.87
CA GLN A 103 10.90 -15.36 5.14
C GLN A 103 11.08 -14.25 6.16
N ASP A 104 11.42 -13.07 5.67
CA ASP A 104 11.69 -11.91 6.53
C ASP A 104 10.42 -11.13 6.84
N LEU A 105 10.37 -10.59 8.06
CA LEU A 105 9.22 -9.81 8.53
C LEU A 105 9.26 -8.41 7.93
N VAL A 106 8.10 -7.97 7.43
CA VAL A 106 7.99 -6.70 6.70
C VAL A 106 8.26 -5.50 7.61
N ASN A 107 7.77 -5.57 8.85
CA ASN A 107 8.00 -4.50 9.81
C ASN A 107 9.45 -4.45 10.27
N GLN A 108 10.17 -5.53 10.01
CA GLN A 108 11.56 -5.63 10.44
C GLN A 108 12.48 -4.98 9.43
N LYS A 109 12.05 -4.93 8.17
CA LYS A 109 12.90 -4.37 7.12
C LYS A 109 12.48 -2.94 6.79
N CYS A 110 11.29 -2.56 7.20
CA CYS A 110 10.79 -1.21 6.95
C CYS A 110 10.69 -0.42 8.25
N LYS A 111 11.07 0.85 8.20
CA LYS A 111 10.87 1.75 9.34
C LYS A 111 9.82 2.81 8.98
N GLN A 112 9.28 2.68 7.77
CA GLN A 112 8.31 3.62 7.22
C GLN A 112 6.93 2.97 7.17
N ASN A 113 5.90 3.76 6.88
CA ASN A 113 4.53 3.24 6.84
C ASN A 113 4.37 2.22 5.72
N ILE A 114 3.73 1.09 6.02
CA ILE A 114 3.53 0.02 5.05
C ILE A 114 2.17 0.14 4.38
N ALA A 115 2.16 0.21 3.05
CA ALA A 115 0.91 0.29 2.31
C ALA A 115 0.99 -0.52 1.02
N CYS A 116 -0.16 -0.87 0.48
CA CYS A 116 -0.25 -1.57 -0.80
C CYS A 116 -0.77 -0.61 -1.84
N CYS A 117 0.02 -0.37 -2.87
CA CYS A 117 -0.28 0.69 -3.82
C CYS A 117 -0.68 0.13 -5.17
N GLN A 118 -1.58 0.85 -5.85
CA GLN A 118 -2.04 0.48 -7.17
C GLN A 118 -0.93 0.66 -8.19
N ASN A 119 -0.59 -0.41 -8.88
CA ASN A 119 0.50 -0.38 -9.86
C ASN A 119 0.10 0.33 -11.14
N SER A 120 -1.18 0.64 -11.26
CA SER A 120 -1.70 1.30 -12.44
C SER A 120 -1.89 2.80 -12.17
N PRO A 121 -1.50 3.66 -13.12
CA PRO A 121 -1.71 5.11 -13.00
C PRO A 121 -3.15 5.50 -13.29
N SER A 122 -4.09 4.83 -12.61
CA SER A 122 -5.51 5.03 -12.84
C SER A 122 -5.95 6.41 -12.38
N ASP A 123 -5.64 6.73 -11.14
CA ASP A 123 -6.05 7.99 -10.54
C ASP A 123 -4.96 9.04 -10.69
N ALA A 124 -3.93 8.67 -11.43
CA ALA A 124 -2.82 9.56 -11.70
C ALA A 124 -2.36 9.40 -13.13
N SER A 125 -3.30 9.49 -14.06
CA SER A 125 -3.02 9.36 -15.48
C SER A 125 -2.39 10.66 -16.02
N GLY A 126 -1.24 11.01 -15.47
CA GLY A 126 -0.55 12.20 -15.92
C GLY A 126 0.67 12.48 -15.05
N SER A 127 1.63 13.21 -15.60
CA SER A 127 2.85 13.51 -14.88
C SER A 127 2.72 14.82 -14.11
N LEU A 128 1.86 15.70 -14.60
CA LEU A 128 1.66 17.00 -13.97
C LEU A 128 0.68 16.91 -12.80
N ILE A 129 0.26 15.69 -12.49
CA ILE A 129 -0.61 15.44 -11.36
C ILE A 129 0.00 14.39 -10.43
N GLY A 130 1.30 14.53 -10.21
CA GLY A 130 2.01 13.61 -9.34
C GLY A 130 1.80 13.95 -7.88
N LEU A 131 0.54 14.19 -7.52
CA LEU A 131 0.18 14.57 -6.17
C LEU A 131 0.54 13.47 -5.20
N GLY A 132 0.46 12.24 -5.67
CA GLY A 132 0.83 11.10 -4.86
C GLY A 132 0.45 9.80 -5.52
N LEU A 133 0.74 8.70 -4.87
CA LEU A 133 0.38 7.39 -5.39
C LEU A 133 -0.85 6.87 -4.64
N PRO A 134 -1.88 6.43 -5.37
CA PRO A 134 -3.06 5.81 -4.76
C PRO A 134 -2.65 4.52 -4.04
N CYS A 135 -2.94 4.46 -2.74
CA CYS A 135 -2.45 3.37 -1.94
C CYS A 135 -3.38 3.13 -0.75
N ILE A 136 -3.30 1.93 -0.18
CA ILE A 136 -4.13 1.58 0.98
C ILE A 136 -3.26 1.06 2.11
N ALA A 137 -3.46 1.59 3.31
CA ALA A 137 -2.76 1.11 4.49
C ALA A 137 -3.08 -0.36 4.74
N LEU A 138 -2.05 -1.18 4.77
CA LEU A 138 -2.21 -2.63 4.90
C LEU A 138 -2.89 -3.02 6.22
N GLY A 139 -2.75 -2.17 7.23
CA GLY A 139 -3.39 -2.44 8.51
C GLY A 139 -4.89 -2.24 8.46
N SER A 140 -5.39 -1.54 7.44
CA SER A 140 -6.81 -1.25 7.34
C SER A 140 -7.60 -2.49 6.93
N ILE A 141 -6.96 -3.38 6.16
CA ILE A 141 -7.63 -4.61 5.71
C ILE A 141 -7.30 -5.77 6.65
N LEU A 142 -6.44 -5.51 7.63
CA LEU A 142 -6.07 -6.50 8.64
C LEU A 142 -5.64 -7.83 8.02
N VAL A 22 1.11 6.66 10.76
CA VAL A 22 0.24 5.64 10.23
C VAL A 22 -0.81 5.24 11.26
N ARG A 23 -2.08 5.48 10.94
CA ARG A 23 -3.17 5.18 11.87
C ARG A 23 -3.46 3.68 11.93
N PHE A 24 -3.10 2.97 10.88
CA PHE A 24 -3.28 1.53 10.84
C PHE A 24 -1.95 0.82 10.62
N PRO A 25 -1.20 0.54 11.69
CA PRO A 25 0.07 -0.18 11.59
C PRO A 25 -0.12 -1.65 11.21
N VAL A 26 0.81 -2.18 10.42
CA VAL A 26 0.79 -3.58 10.03
C VAL A 26 1.39 -4.43 11.13
N PRO A 27 0.72 -5.53 11.53
CA PRO A 27 1.27 -6.48 12.50
C PRO A 27 2.69 -6.92 12.11
N ASP A 28 3.57 -6.94 13.09
CA ASP A 28 5.00 -7.13 12.84
C ASP A 28 5.33 -8.56 12.46
N ASP A 29 4.36 -9.45 12.61
CA ASP A 29 4.56 -10.87 12.33
C ASP A 29 4.23 -11.20 10.87
N ILE A 30 3.87 -10.18 10.10
CA ILE A 30 3.51 -10.38 8.70
C ILE A 30 4.76 -10.34 7.82
N THR A 31 4.92 -11.37 7.00
CA THR A 31 6.03 -11.43 6.08
C THR A 31 5.73 -10.64 4.82
N VAL A 32 6.76 -10.26 4.08
CA VAL A 32 6.57 -9.48 2.86
C VAL A 32 5.67 -10.25 1.87
N LYS A 33 5.88 -11.55 1.77
CA LYS A 33 5.08 -12.39 0.89
C LYS A 33 3.61 -12.41 1.34
N GLN A 34 3.39 -12.57 2.66
CA GLN A 34 2.04 -12.57 3.21
C GLN A 34 1.38 -11.22 3.00
N ALA A 35 2.12 -10.16 3.28
CA ALA A 35 1.62 -8.81 3.14
C ALA A 35 1.22 -8.51 1.70
N THR A 36 2.00 -9.04 0.77
CA THR A 36 1.70 -8.90 -0.64
C THR A 36 0.44 -9.67 -1.01
N GLU A 37 0.33 -10.91 -0.52
CA GLU A 37 -0.84 -11.75 -0.81
C GLU A 37 -2.11 -11.15 -0.23
N LYS A 38 -1.97 -10.45 0.88
CA LYS A 38 -3.11 -9.80 1.52
C LYS A 38 -3.72 -8.74 0.59
N CYS A 39 -2.86 -7.99 -0.08
CA CYS A 39 -3.32 -6.93 -0.98
C CYS A 39 -3.44 -7.43 -2.42
N GLY A 40 -2.82 -8.57 -2.72
CA GLY A 40 -2.89 -9.13 -4.05
C GLY A 40 -1.60 -8.92 -4.82
N ASP A 41 -1.43 -9.71 -5.89
CA ASP A 41 -0.19 -9.64 -6.68
C ASP A 41 -0.18 -8.39 -7.56
N GLN A 42 -1.32 -7.71 -7.63
CA GLN A 42 -1.44 -6.49 -8.41
C GLN A 42 -1.13 -5.28 -7.54
N ALA A 43 -0.54 -5.53 -6.38
CA ALA A 43 -0.16 -4.48 -5.47
C ALA A 43 1.30 -4.62 -5.08
N GLN A 44 1.97 -3.50 -4.96
CA GLN A 44 3.36 -3.46 -4.56
C GLN A 44 3.46 -2.83 -3.17
N LEU A 45 4.08 -3.54 -2.24
CA LEU A 45 4.29 -3.01 -0.91
C LEU A 45 5.26 -1.84 -0.96
N SER A 46 4.80 -0.70 -0.50
CA SER A 46 5.58 0.52 -0.56
C SER A 46 5.76 1.11 0.82
N CYS A 47 7.00 1.51 1.11
CA CYS A 47 7.31 2.20 2.34
C CYS A 47 7.26 3.70 2.12
N CYS A 48 6.33 4.36 2.78
CA CYS A 48 6.16 5.80 2.59
C CYS A 48 6.37 6.55 3.89
N ASN A 49 7.20 7.60 3.84
CA ASN A 49 7.52 8.38 5.03
C ASN A 49 6.41 9.38 5.35
N LYS A 50 5.60 9.71 4.34
CA LYS A 50 4.49 10.64 4.52
C LYS A 50 3.18 9.99 4.10
N ALA A 51 2.12 10.27 4.83
CA ALA A 51 0.83 9.67 4.56
C ALA A 51 -0.28 10.73 4.55
N THR A 52 -1.06 10.75 3.47
CA THR A 52 -2.20 11.63 3.39
C THR A 52 -3.47 10.81 3.18
N TYR A 53 -4.35 10.85 4.15
CA TYR A 53 -5.59 10.08 4.05
C TYR A 53 -6.68 10.95 3.44
N ALA A 54 -7.42 10.38 2.50
CA ALA A 54 -8.37 11.13 1.69
C ALA A 54 -9.51 11.68 2.52
N GLY A 55 -9.89 10.95 3.56
CA GLY A 55 -10.94 11.42 4.46
C GLY A 55 -10.47 12.52 5.38
N ASP A 56 -9.17 12.80 5.36
CA ASP A 56 -8.60 13.84 6.21
C ASP A 56 -8.42 15.14 5.44
N VAL A 57 -8.45 15.05 4.13
CA VAL A 57 -8.27 16.21 3.27
C VAL A 57 -9.49 16.43 2.37
N THR A 58 -9.96 17.67 2.32
CA THR A 58 -11.17 18.01 1.61
C THR A 58 -10.95 18.22 0.12
N ASP A 59 -9.69 18.43 -0.26
CA ASP A 59 -9.36 18.73 -1.66
C ASP A 59 -9.15 17.46 -2.48
N ILE A 60 -9.52 16.32 -1.92
CA ILE A 60 -9.37 15.06 -2.62
C ILE A 60 -10.67 14.26 -2.58
N ASP A 61 -11.03 13.68 -3.72
CA ASP A 61 -12.23 12.88 -3.81
C ASP A 61 -11.91 11.43 -3.45
N GLU A 62 -12.36 11.01 -2.28
CA GLU A 62 -12.11 9.67 -1.77
C GLU A 62 -12.84 8.62 -2.61
N GLY A 63 -13.96 9.00 -3.21
CA GLY A 63 -14.76 8.04 -3.96
C GLY A 63 -14.05 7.50 -5.18
N ILE A 64 -13.36 8.38 -5.89
CA ILE A 64 -12.59 8.00 -7.07
C ILE A 64 -11.45 7.07 -6.66
N LEU A 65 -10.77 7.42 -5.58
CA LEU A 65 -9.66 6.62 -5.08
C LEU A 65 -10.14 5.27 -4.57
N ALA A 66 -11.31 5.28 -3.93
CA ALA A 66 -11.89 4.05 -3.42
C ALA A 66 -12.26 3.13 -4.56
N GLY A 67 -12.73 3.71 -5.66
CA GLY A 67 -13.10 2.94 -6.83
C GLY A 67 -11.94 2.15 -7.38
N THR A 68 -10.79 2.79 -7.52
CA THR A 68 -9.62 2.15 -8.11
C THR A 68 -8.99 1.14 -7.16
N LEU A 69 -8.88 1.51 -5.89
CA LEU A 69 -8.23 0.66 -4.90
C LEU A 69 -9.12 -0.52 -4.50
N LYS A 70 -10.43 -0.34 -4.61
CA LYS A 70 -11.39 -1.38 -4.25
C LYS A 70 -11.12 -2.67 -5.02
N ASN A 71 -10.60 -2.52 -6.23
CA ASN A 71 -10.30 -3.67 -7.08
C ASN A 71 -9.22 -4.56 -6.46
N LEU A 72 -8.44 -3.98 -5.56
CA LEU A 72 -7.40 -4.74 -4.87
C LEU A 72 -7.94 -5.35 -3.58
N ILE A 73 -8.94 -4.71 -3.02
CA ILE A 73 -9.53 -5.16 -1.76
C ILE A 73 -10.53 -6.28 -2.02
N GLY A 74 -11.32 -6.12 -3.06
CA GLY A 74 -12.35 -7.09 -3.37
C GLY A 74 -13.73 -6.56 -3.04
N GLY A 75 -14.47 -7.31 -2.23
CA GLY A 75 -15.81 -6.89 -1.85
C GLY A 75 -15.80 -6.06 -0.58
N GLY A 76 -14.83 -5.18 -0.47
CA GLY A 76 -14.73 -4.33 0.70
C GLY A 76 -14.02 -3.03 0.40
N SER A 77 -13.98 -2.13 1.36
CA SER A 77 -13.34 -0.83 1.16
C SER A 77 -12.85 -0.26 2.49
N GLY A 78 -11.59 -0.55 2.82
CA GLY A 78 -10.99 0.05 4.00
C GLY A 78 -10.49 1.44 3.71
N THR A 79 -11.42 2.36 3.50
CA THR A 79 -11.10 3.72 3.08
C THR A 79 -10.38 4.51 4.16
N GLU A 80 -10.36 3.98 5.38
CA GLU A 80 -9.71 4.64 6.49
C GLU A 80 -8.22 4.83 6.25
N GLY A 81 -7.62 3.88 5.55
CA GLY A 81 -6.20 3.96 5.26
C GLY A 81 -5.92 4.29 3.82
N LEU A 82 -6.92 4.86 3.14
CA LEU A 82 -6.84 5.15 1.73
C LEU A 82 -6.52 6.63 1.49
N GLY A 83 -5.66 6.89 0.51
CA GLY A 83 -5.37 8.27 0.16
C GLY A 83 -4.14 8.39 -0.70
N LEU A 84 -3.42 9.49 -0.53
CA LEU A 84 -2.23 9.77 -1.30
C LEU A 84 -0.99 9.65 -0.42
N PHE A 85 -0.06 8.84 -0.84
CA PHE A 85 1.16 8.62 -0.08
C PHE A 85 2.34 9.27 -0.78
N ASN A 86 3.19 9.94 0.00
CA ASN A 86 4.32 10.68 -0.55
C ASN A 86 5.62 10.13 0.01
N GLN A 87 6.71 10.28 -0.75
CA GLN A 87 8.02 9.78 -0.34
C GLN A 87 7.97 8.27 -0.17
N CYS A 88 7.59 7.60 -1.25
CA CYS A 88 7.37 6.17 -1.23
C CYS A 88 8.49 5.42 -1.95
N SER A 89 8.94 4.35 -1.33
CA SER A 89 9.93 3.47 -1.94
C SER A 89 9.41 2.03 -1.88
N LYS A 90 9.46 1.33 -3.01
CA LYS A 90 8.88 -0.02 -3.08
C LYS A 90 9.81 -1.06 -2.47
N LEU A 91 9.23 -2.07 -1.85
CA LEU A 91 9.99 -3.16 -1.27
C LEU A 91 10.05 -4.32 -2.26
N ASP A 92 11.20 -4.97 -2.35
CA ASP A 92 11.34 -6.10 -3.26
C ASP A 92 10.64 -7.31 -2.69
N LEU A 93 9.82 -7.96 -3.51
CA LEU A 93 9.04 -9.10 -3.07
C LEU A 93 9.87 -10.38 -3.12
N GLN A 94 10.03 -11.00 -1.96
CA GLN A 94 10.70 -12.29 -1.88
C GLN A 94 9.68 -13.39 -2.03
N ILE A 95 9.83 -14.18 -3.06
CA ILE A 95 8.91 -15.27 -3.33
C ILE A 95 9.53 -16.59 -2.86
N PRO A 96 8.94 -17.22 -1.83
CA PRO A 96 9.39 -18.53 -1.36
C PRO A 96 9.32 -19.59 -2.45
N ILE A 97 10.48 -20.10 -2.84
CA ILE A 97 10.55 -21.11 -3.88
C ILE A 97 11.42 -22.27 -3.43
N ILE A 98 11.49 -23.30 -4.26
CA ILE A 98 12.26 -24.50 -3.94
C ILE A 98 13.75 -24.18 -3.90
N GLY A 99 14.28 -24.13 -2.69
CA GLY A 99 15.69 -23.80 -2.51
C GLY A 99 15.87 -22.62 -1.59
N ILE A 100 14.96 -21.66 -1.70
CA ILE A 100 15.01 -20.45 -0.88
C ILE A 100 13.60 -20.00 -0.51
N PRO A 101 12.99 -20.66 0.47
CA PRO A 101 11.67 -20.29 0.96
C PRO A 101 11.77 -19.21 2.03
N ILE A 102 12.33 -18.07 1.64
CA ILE A 102 12.59 -16.99 2.56
C ILE A 102 11.31 -16.21 2.85
N GLN A 103 10.97 -16.14 4.12
CA GLN A 103 9.78 -15.43 4.57
C GLN A 103 10.14 -14.38 5.60
N ASP A 104 10.59 -13.24 5.13
CA ASP A 104 11.02 -12.16 6.02
C ASP A 104 9.85 -11.27 6.41
N LEU A 105 9.88 -10.79 7.65
CA LEU A 105 8.85 -9.91 8.18
C LEU A 105 8.96 -8.54 7.53
N VAL A 106 7.82 -8.04 7.06
CA VAL A 106 7.79 -6.79 6.31
C VAL A 106 8.18 -5.59 7.18
N ASN A 107 7.79 -5.63 8.45
CA ASN A 107 8.15 -4.58 9.41
C ASN A 107 9.62 -4.65 9.77
N GLN A 108 10.27 -5.75 9.40
CA GLN A 108 11.65 -5.98 9.82
C GLN A 108 12.62 -5.26 8.88
N LYS A 109 12.20 -5.03 7.65
CA LYS A 109 13.06 -4.35 6.70
C LYS A 109 12.66 -2.88 6.54
N CYS A 110 11.45 -2.55 6.96
CA CYS A 110 10.93 -1.21 6.79
C CYS A 110 10.82 -0.49 8.13
N LYS A 111 11.22 0.79 8.15
CA LYS A 111 11.00 1.63 9.32
C LYS A 111 9.96 2.71 9.00
N GLN A 112 9.40 2.62 7.81
CA GLN A 112 8.38 3.54 7.34
C GLN A 112 7.03 2.83 7.28
N ASN A 113 5.96 3.59 7.07
CA ASN A 113 4.62 3.01 6.99
C ASN A 113 4.48 2.12 5.75
N ILE A 114 3.78 0.99 5.91
CA ILE A 114 3.59 0.03 4.83
C ILE A 114 2.24 0.23 4.14
N ALA A 115 2.26 0.51 2.85
CA ALA A 115 1.04 0.66 2.08
C ALA A 115 1.07 -0.22 0.84
N CYS A 116 -0.10 -0.58 0.34
CA CYS A 116 -0.23 -1.40 -0.86
C CYS A 116 -0.69 -0.54 -2.02
N CYS A 117 0.16 -0.38 -3.01
CA CYS A 117 -0.14 0.49 -4.14
C CYS A 117 -0.39 -0.37 -5.38
N GLN A 118 -1.37 0.02 -6.19
CA GLN A 118 -1.75 -0.75 -7.36
C GLN A 118 -0.66 -0.67 -8.43
N ASN A 119 -0.35 -1.81 -9.03
CA ASN A 119 0.72 -1.90 -10.04
C ASN A 119 0.22 -1.42 -11.40
N SER A 120 -0.30 -0.20 -11.42
CA SER A 120 -0.78 0.42 -12.64
C SER A 120 -0.36 1.88 -12.66
N PRO A 121 0.67 2.24 -13.45
CA PRO A 121 1.19 3.60 -13.52
C PRO A 121 0.32 4.51 -14.38
N SER A 122 -0.99 4.44 -14.16
CA SER A 122 -1.96 5.21 -14.93
C SER A 122 -2.12 6.61 -14.35
N ASP A 123 -1.37 6.89 -13.30
CA ASP A 123 -1.40 8.20 -12.66
C ASP A 123 -0.43 9.15 -13.34
N ALA A 124 0.53 8.57 -14.05
CA ALA A 124 1.55 9.35 -14.73
C ALA A 124 1.25 9.47 -16.21
N SER A 125 0.01 9.17 -16.56
CA SER A 125 -0.42 9.16 -17.95
C SER A 125 -0.99 10.52 -18.37
N GLY A 126 -0.44 11.58 -17.80
CA GLY A 126 -0.91 12.91 -18.10
C GLY A 126 -1.93 13.39 -17.08
N SER A 127 -2.22 12.54 -16.12
CA SER A 127 -3.17 12.86 -15.08
C SER A 127 -2.59 13.91 -14.13
N LEU A 128 -3.38 14.91 -13.80
CA LEU A 128 -2.92 16.00 -12.94
C LEU A 128 -3.14 15.65 -11.48
N ILE A 129 -2.79 14.43 -11.12
CA ILE A 129 -2.98 13.94 -9.76
C ILE A 129 -1.63 13.70 -9.10
N GLY A 130 -0.73 14.65 -9.29
CA GLY A 130 0.62 14.56 -8.73
C GLY A 130 0.63 14.91 -7.26
N LEU A 131 -0.41 14.48 -6.55
CA LEU A 131 -0.53 14.71 -5.12
C LEU A 131 0.27 13.67 -4.36
N GLY A 132 0.61 12.61 -5.06
CA GLY A 132 1.36 11.51 -4.48
C GLY A 132 1.05 10.21 -5.20
N LEU A 133 1.24 9.11 -4.51
CA LEU A 133 0.89 7.80 -5.06
C LEU A 133 -0.39 7.31 -4.42
N PRO A 134 -1.40 6.92 -5.21
CA PRO A 134 -2.62 6.35 -4.67
C PRO A 134 -2.33 4.99 -4.03
N CYS A 135 -2.63 4.88 -2.75
CA CYS A 135 -2.24 3.70 -2.02
C CYS A 135 -3.16 3.49 -0.83
N ILE A 136 -3.06 2.33 -0.19
CA ILE A 136 -3.83 2.04 1.01
C ILE A 136 -2.94 1.41 2.08
N ALA A 137 -3.03 1.92 3.29
CA ALA A 137 -2.28 1.36 4.42
C ALA A 137 -2.70 -0.08 4.66
N LEU A 138 -1.72 -0.97 4.63
CA LEU A 138 -1.97 -2.41 4.74
C LEU A 138 -2.62 -2.77 6.09
N GLY A 139 -2.39 -1.95 7.11
CA GLY A 139 -2.99 -2.19 8.40
C GLY A 139 -4.49 -1.92 8.39
N SER A 140 -4.97 -1.19 7.38
CA SER A 140 -6.37 -0.80 7.33
C SER A 140 -7.25 -2.00 6.96
N ILE A 141 -6.68 -2.97 6.25
CA ILE A 141 -7.44 -4.14 5.84
C ILE A 141 -7.12 -5.35 6.71
N LEU A 142 -6.19 -5.16 7.66
CA LEU A 142 -5.80 -6.21 8.62
C LEU A 142 -5.65 -7.58 7.98
N VAL A 22 1.42 6.26 10.90
CA VAL A 22 0.62 5.17 10.37
C VAL A 22 -0.60 4.92 11.26
N ARG A 23 -1.79 5.12 10.70
CA ARG A 23 -3.02 4.93 11.45
C ARG A 23 -3.36 3.44 11.62
N PHE A 24 -2.93 2.63 10.66
CA PHE A 24 -3.19 1.19 10.71
C PHE A 24 -1.89 0.41 10.59
N PRO A 25 -1.26 0.08 11.74
CA PRO A 25 0.02 -0.64 11.74
C PRO A 25 -0.11 -2.08 11.26
N VAL A 26 0.96 -2.59 10.67
CA VAL A 26 1.00 -3.96 10.18
C VAL A 26 1.57 -4.87 11.27
N PRO A 27 0.91 -6.03 11.51
CA PRO A 27 1.41 -7.04 12.45
C PRO A 27 2.86 -7.43 12.18
N ASP A 28 3.66 -7.53 13.24
CA ASP A 28 5.10 -7.80 13.12
C ASP A 28 5.38 -9.22 12.64
N ASP A 29 4.36 -10.06 12.64
CA ASP A 29 4.51 -11.45 12.21
C ASP A 29 4.38 -11.60 10.70
N ILE A 30 4.21 -10.49 10.01
CA ILE A 30 4.07 -10.53 8.56
C ILE A 30 5.44 -10.36 7.89
N THR A 31 5.80 -11.31 7.06
CA THR A 31 7.02 -11.22 6.29
C THR A 31 6.83 -10.31 5.09
N VAL A 32 7.91 -9.82 4.52
CA VAL A 32 7.82 -8.97 3.32
C VAL A 32 7.05 -9.69 2.23
N LYS A 33 7.32 -10.99 2.07
CA LYS A 33 6.63 -11.78 1.07
C LYS A 33 5.15 -11.89 1.39
N GLN A 34 4.81 -12.23 2.64
CA GLN A 34 3.41 -12.38 3.03
C GLN A 34 2.64 -11.09 2.81
N ALA A 35 3.25 -9.98 3.18
CA ALA A 35 2.65 -8.68 2.98
C ALA A 35 2.46 -8.40 1.49
N THR A 36 3.45 -8.77 0.69
CA THR A 36 3.36 -8.60 -0.75
C THR A 36 2.32 -9.53 -1.38
N GLU A 37 2.25 -10.77 -0.88
CA GLU A 37 1.29 -11.76 -1.38
C GLU A 37 -0.14 -11.25 -1.22
N LYS A 38 -0.36 -10.47 -0.17
CA LYS A 38 -1.67 -9.87 0.09
C LYS A 38 -2.05 -8.95 -1.07
N CYS A 39 -1.06 -8.33 -1.66
CA CYS A 39 -1.26 -7.40 -2.76
C CYS A 39 -0.98 -8.05 -4.12
N GLY A 40 -0.78 -9.37 -4.12
CA GLY A 40 -0.34 -10.05 -5.33
C GLY A 40 -1.42 -10.16 -6.39
N ASP A 41 -1.62 -9.07 -7.13
CA ASP A 41 -2.58 -9.04 -8.23
C ASP A 41 -2.55 -7.70 -8.95
N GLN A 42 -3.09 -6.69 -8.28
CA GLN A 42 -3.22 -5.35 -8.86
C GLN A 42 -2.41 -4.32 -8.10
N ALA A 43 -1.53 -4.78 -7.23
CA ALA A 43 -0.82 -3.89 -6.33
C ALA A 43 0.56 -4.41 -5.99
N GLN A 44 1.39 -3.53 -5.47
CA GLN A 44 2.69 -3.90 -4.97
C GLN A 44 2.93 -3.27 -3.61
N LEU A 45 3.59 -4.00 -2.73
CA LEU A 45 3.85 -3.53 -1.38
C LEU A 45 4.82 -2.35 -1.41
N SER A 46 4.50 -1.30 -0.66
CA SER A 46 5.30 -0.09 -0.69
C SER A 46 5.46 0.48 0.73
N CYS A 47 6.62 1.07 0.98
CA CYS A 47 6.89 1.72 2.25
C CYS A 47 7.04 3.22 2.05
N CYS A 48 6.19 3.99 2.71
CA CYS A 48 6.13 5.43 2.48
C CYS A 48 6.55 6.16 3.75
N ASN A 49 7.23 7.29 3.60
CA ASN A 49 7.68 8.06 4.75
C ASN A 49 6.62 9.10 5.16
N LYS A 50 5.79 9.52 4.20
CA LYS A 50 4.73 10.46 4.48
C LYS A 50 3.38 9.90 4.02
N ALA A 51 2.32 10.20 4.77
CA ALA A 51 1.00 9.68 4.47
C ALA A 51 -0.07 10.76 4.53
N THR A 52 -0.87 10.87 3.47
CA THR A 52 -2.03 11.75 3.49
C THR A 52 -3.29 10.92 3.25
N TYR A 53 -4.16 10.87 4.25
CA TYR A 53 -5.38 10.08 4.14
C TYR A 53 -6.50 10.95 3.61
N ALA A 54 -7.27 10.38 2.67
CA ALA A 54 -8.26 11.13 1.90
C ALA A 54 -9.36 11.73 2.78
N GLY A 55 -9.62 11.08 3.90
CA GLY A 55 -10.64 11.57 4.81
C GLY A 55 -10.21 12.80 5.58
N ASP A 56 -8.92 13.12 5.52
CA ASP A 56 -8.39 14.28 6.22
C ASP A 56 -8.27 15.48 5.29
N VAL A 57 -8.30 15.24 3.99
CA VAL A 57 -8.14 16.30 3.02
C VAL A 57 -9.36 16.38 2.09
N THR A 58 -9.95 17.55 2.01
CA THR A 58 -11.17 17.75 1.25
C THR A 58 -10.89 18.05 -0.23
N ASP A 59 -9.61 18.22 -0.56
CA ASP A 59 -9.20 18.54 -1.93
C ASP A 59 -9.11 17.28 -2.78
N ILE A 60 -9.35 16.13 -2.16
CA ILE A 60 -9.30 14.86 -2.86
C ILE A 60 -10.69 14.27 -3.00
N ASP A 61 -10.96 13.62 -4.12
CA ASP A 61 -12.20 12.90 -4.30
C ASP A 61 -12.02 11.48 -3.79
N GLU A 62 -12.49 11.25 -2.59
CA GLU A 62 -12.32 9.97 -1.92
C GLU A 62 -13.05 8.85 -2.66
N GLY A 63 -14.10 9.21 -3.38
CA GLY A 63 -14.91 8.22 -4.08
C GLY A 63 -14.14 7.56 -5.21
N ILE A 64 -13.40 8.35 -5.96
CA ILE A 64 -12.61 7.83 -7.07
C ILE A 64 -11.50 6.92 -6.55
N LEU A 65 -10.83 7.36 -5.50
CA LEU A 65 -9.78 6.56 -4.88
C LEU A 65 -10.36 5.27 -4.32
N ALA A 66 -11.53 5.38 -3.71
CA ALA A 66 -12.19 4.21 -3.13
C ALA A 66 -12.59 3.24 -4.22
N GLY A 67 -13.11 3.77 -5.32
CA GLY A 67 -13.52 2.93 -6.44
C GLY A 67 -12.37 2.16 -7.05
N THR A 68 -11.23 2.82 -7.20
CA THR A 68 -10.06 2.21 -7.81
C THR A 68 -9.43 1.17 -6.88
N LEU A 69 -9.30 1.52 -5.60
CA LEU A 69 -8.67 0.62 -4.63
C LEU A 69 -9.62 -0.53 -4.27
N LYS A 70 -10.92 -0.29 -4.40
CA LYS A 70 -11.94 -1.29 -4.09
C LYS A 70 -11.75 -2.54 -4.94
N ASN A 71 -11.25 -2.34 -6.16
CA ASN A 71 -11.09 -3.43 -7.11
C ASN A 71 -9.98 -4.38 -6.64
N LEU A 72 -9.09 -3.87 -5.80
CA LEU A 72 -8.01 -4.68 -5.24
C LEU A 72 -8.53 -5.52 -4.08
N ILE A 73 -9.48 -4.95 -3.35
CA ILE A 73 -10.01 -5.58 -2.16
C ILE A 73 -11.12 -6.56 -2.51
N GLY A 74 -12.05 -6.12 -3.34
CA GLY A 74 -13.16 -6.95 -3.72
C GLY A 74 -14.47 -6.18 -3.71
N GLY A 75 -15.24 -6.34 -2.66
CA GLY A 75 -16.53 -5.68 -2.56
C GLY A 75 -16.55 -4.62 -1.49
N GLY A 76 -15.37 -4.26 -0.99
CA GLY A 76 -15.28 -3.24 0.03
C GLY A 76 -14.08 -2.34 -0.19
N SER A 77 -14.00 -1.27 0.58
CA SER A 77 -12.90 -0.32 0.46
C SER A 77 -12.74 0.48 1.75
N GLY A 78 -11.74 0.10 2.54
CA GLY A 78 -11.46 0.80 3.79
C GLY A 78 -10.82 2.15 3.54
N THR A 79 -11.65 3.15 3.31
CA THR A 79 -11.18 4.50 3.01
C THR A 79 -10.47 5.14 4.20
N GLU A 80 -10.56 4.48 5.34
CA GLU A 80 -9.95 4.96 6.58
C GLU A 80 -8.43 5.04 6.45
N GLY A 81 -7.85 4.15 5.65
CA GLY A 81 -6.42 4.14 5.44
C GLY A 81 -6.05 4.42 4.00
N LEU A 82 -6.97 5.07 3.29
CA LEU A 82 -6.80 5.32 1.87
C LEU A 82 -6.45 6.78 1.60
N GLY A 83 -5.61 7.02 0.61
CA GLY A 83 -5.28 8.38 0.23
C GLY A 83 -4.05 8.48 -0.64
N LEU A 84 -3.33 9.59 -0.52
CA LEU A 84 -2.13 9.82 -1.32
C LEU A 84 -0.91 9.70 -0.43
N PHE A 85 0.08 8.98 -0.90
CA PHE A 85 1.29 8.76 -0.13
C PHE A 85 2.48 9.41 -0.84
N ASN A 86 3.41 9.98 -0.07
CA ASN A 86 4.55 10.67 -0.65
C ASN A 86 5.85 10.11 -0.09
N GLN A 87 6.93 10.22 -0.87
CA GLN A 87 8.24 9.73 -0.45
C GLN A 87 8.15 8.25 -0.13
N CYS A 88 7.74 7.48 -1.11
CA CYS A 88 7.48 6.07 -0.92
C CYS A 88 8.35 5.22 -1.84
N SER A 89 8.76 4.08 -1.33
CA SER A 89 9.62 3.17 -2.09
C SER A 89 8.98 1.79 -2.12
N LYS A 90 9.08 1.13 -3.25
CA LYS A 90 8.47 -0.19 -3.42
C LYS A 90 9.32 -1.27 -2.78
N LEU A 91 8.67 -2.30 -2.28
CA LEU A 91 9.38 -3.39 -1.61
C LEU A 91 9.49 -4.59 -2.53
N ASP A 92 10.62 -5.26 -2.47
CA ASP A 92 10.84 -6.47 -3.23
C ASP A 92 10.66 -7.68 -2.32
N LEU A 93 9.79 -8.60 -2.74
CA LEU A 93 9.50 -9.77 -1.92
C LEU A 93 10.63 -10.79 -2.04
N GLN A 94 11.01 -11.35 -0.91
CA GLN A 94 12.04 -12.39 -0.88
C GLN A 94 11.48 -13.70 -1.40
N ILE A 95 12.18 -14.26 -2.37
CA ILE A 95 11.77 -15.52 -2.99
C ILE A 95 12.58 -16.67 -2.40
N PRO A 96 11.94 -17.59 -1.67
CA PRO A 96 12.61 -18.76 -1.12
C PRO A 96 12.83 -19.82 -2.19
N ILE A 97 13.92 -19.66 -2.94
CA ILE A 97 14.20 -20.53 -4.07
C ILE A 97 14.75 -21.89 -3.62
N ILE A 98 16.05 -21.95 -3.31
CA ILE A 98 16.69 -23.20 -2.97
C ILE A 98 17.10 -23.23 -1.50
N GLY A 99 16.22 -23.78 -0.67
CA GLY A 99 16.53 -23.97 0.73
C GLY A 99 16.73 -22.67 1.48
N ILE A 100 15.81 -21.74 1.32
CA ILE A 100 15.87 -20.48 2.03
C ILE A 100 14.74 -20.41 3.05
N PRO A 101 14.98 -20.89 4.29
CA PRO A 101 13.98 -20.87 5.34
C PRO A 101 14.05 -19.58 6.16
N ILE A 102 14.27 -18.47 5.48
CA ILE A 102 14.40 -17.18 6.14
C ILE A 102 13.12 -16.36 5.95
N GLN A 103 12.51 -16.00 7.07
CA GLN A 103 11.29 -15.22 7.06
C GLN A 103 11.58 -13.76 7.36
N ASP A 104 11.93 -13.02 6.32
CA ASP A 104 12.20 -11.58 6.46
C ASP A 104 10.93 -10.84 6.87
N LEU A 105 10.85 -10.47 8.14
CA LEU A 105 9.70 -9.76 8.66
C LEU A 105 9.67 -8.33 8.12
N VAL A 106 8.51 -7.92 7.61
CA VAL A 106 8.37 -6.64 6.92
C VAL A 106 8.59 -5.47 7.87
N ASN A 107 8.14 -5.61 9.12
CA ASN A 107 8.32 -4.56 10.12
C ASN A 107 9.78 -4.46 10.53
N GLN A 108 10.56 -5.48 10.21
CA GLN A 108 11.94 -5.56 10.68
C GLN A 108 12.86 -4.76 9.76
N LYS A 109 12.47 -4.64 8.49
CA LYS A 109 13.31 -3.94 7.52
C LYS A 109 12.64 -2.66 7.02
N CYS A 110 11.34 -2.53 7.26
CA CYS A 110 10.65 -1.30 6.92
C CYS A 110 10.28 -0.54 8.20
N LYS A 111 10.85 0.65 8.36
CA LYS A 111 10.55 1.49 9.52
C LYS A 111 9.52 2.57 9.14
N GLN A 112 9.19 2.59 7.86
CA GLN A 112 8.23 3.54 7.32
C GLN A 112 6.84 2.93 7.35
N ASN A 113 5.80 3.73 7.11
CA ASN A 113 4.45 3.18 7.09
C ASN A 113 4.27 2.29 5.86
N ILE A 114 3.74 1.10 6.08
CA ILE A 114 3.61 0.10 5.01
C ILE A 114 2.24 0.20 4.35
N ALA A 115 2.22 0.33 3.04
CA ALA A 115 0.98 0.50 2.31
C ALA A 115 0.94 -0.39 1.06
N CYS A 116 -0.28 -0.63 0.60
CA CYS A 116 -0.53 -1.43 -0.59
C CYS A 116 -1.03 -0.50 -1.69
N CYS A 117 -0.26 -0.34 -2.76
CA CYS A 117 -0.58 0.67 -3.75
C CYS A 117 -1.04 0.05 -5.06
N GLN A 118 -2.07 0.65 -5.66
CA GLN A 118 -2.62 0.16 -6.91
C GLN A 118 -1.65 0.42 -8.04
N ASN A 119 -1.52 -0.55 -8.94
CA ASN A 119 -0.59 -0.45 -10.05
C ASN A 119 -1.17 0.45 -11.15
N SER A 120 -1.35 1.71 -10.80
CA SER A 120 -1.75 2.72 -11.77
C SER A 120 -0.55 3.60 -12.11
N PRO A 121 0.21 3.28 -13.17
CA PRO A 121 1.45 3.99 -13.50
C PRO A 121 1.19 5.32 -14.19
N SER A 122 0.35 6.13 -13.58
CA SER A 122 0.01 7.45 -14.08
C SER A 122 -0.70 8.23 -13.00
N ASP A 123 -0.34 9.50 -12.86
CA ASP A 123 -0.95 10.37 -11.87
C ASP A 123 -2.31 10.85 -12.36
N ALA A 124 -2.56 10.63 -13.63
CA ALA A 124 -3.85 10.95 -14.22
C ALA A 124 -4.75 9.72 -14.18
N SER A 125 -4.91 9.17 -12.98
CA SER A 125 -5.75 8.00 -12.78
C SER A 125 -6.61 8.19 -11.54
N GLY A 126 -7.01 9.43 -11.30
CA GLY A 126 -7.82 9.73 -10.13
C GLY A 126 -8.13 11.20 -10.02
N SER A 127 -8.60 11.78 -11.12
CA SER A 127 -8.93 13.22 -11.18
C SER A 127 -7.66 14.05 -11.01
N LEU A 128 -6.60 13.63 -11.71
CA LEU A 128 -5.31 14.34 -11.70
C LEU A 128 -4.74 14.43 -10.29
N ILE A 129 -4.02 13.40 -9.88
CA ILE A 129 -3.47 13.34 -8.54
C ILE A 129 -1.95 13.18 -8.58
N GLY A 130 -1.27 14.16 -9.16
CA GLY A 130 0.18 14.16 -9.18
C GLY A 130 0.76 14.62 -7.85
N LEU A 131 -0.10 14.64 -6.84
CA LEU A 131 0.29 15.09 -5.52
C LEU A 131 0.84 13.93 -4.71
N GLY A 132 0.68 12.73 -5.25
CA GLY A 132 1.14 11.53 -4.60
C GLY A 132 0.54 10.30 -5.23
N LEU A 133 0.99 9.14 -4.82
CA LEU A 133 0.48 7.90 -5.39
C LEU A 133 -0.65 7.33 -4.55
N PRO A 134 -1.75 6.91 -5.20
CA PRO A 134 -2.90 6.32 -4.51
C PRO A 134 -2.53 4.99 -3.88
N CYS A 135 -2.75 4.90 -2.58
CA CYS A 135 -2.34 3.73 -1.84
C CYS A 135 -3.23 3.56 -0.60
N ILE A 136 -3.19 2.37 -0.01
CA ILE A 136 -3.94 2.11 1.21
C ILE A 136 -3.05 1.42 2.22
N ALA A 137 -3.09 1.91 3.47
CA ALA A 137 -2.31 1.32 4.55
C ALA A 137 -2.58 -0.18 4.65
N LEU A 138 -1.52 -0.97 4.71
CA LEU A 138 -1.65 -2.43 4.65
C LEU A 138 -2.39 -2.97 5.88
N GLY A 139 -2.36 -2.21 6.98
CA GLY A 139 -3.07 -2.61 8.17
C GLY A 139 -4.57 -2.44 8.05
N SER A 140 -5.01 -1.69 7.04
CA SER A 140 -6.43 -1.46 6.83
C SER A 140 -7.09 -2.64 6.11
N ILE A 141 -6.33 -3.34 5.28
CA ILE A 141 -6.88 -4.46 4.54
C ILE A 141 -6.52 -5.80 5.18
N LEU A 142 -5.62 -5.76 6.17
CA LEU A 142 -5.20 -6.95 6.93
C LEU A 142 -4.98 -8.17 6.03
N VAL A 22 0.87 5.88 10.64
CA VAL A 22 -0.02 4.89 10.05
C VAL A 22 -1.12 4.53 11.05
N ARG A 23 -2.36 4.83 10.68
CA ARG A 23 -3.52 4.57 11.53
C ARG A 23 -3.76 3.06 11.68
N PHE A 24 -3.48 2.32 10.62
CA PHE A 24 -3.61 0.87 10.65
C PHE A 24 -2.25 0.22 10.38
N PRO A 25 -1.44 0.00 11.43
CA PRO A 25 -0.11 -0.61 11.30
C PRO A 25 -0.19 -2.09 10.92
N VAL A 26 0.85 -2.55 10.22
CA VAL A 26 0.92 -3.94 9.79
C VAL A 26 1.43 -4.83 10.92
N PRO A 27 0.71 -5.92 11.23
CA PRO A 27 1.12 -6.89 12.25
C PRO A 27 2.55 -7.38 12.05
N ASP A 28 3.29 -7.48 13.14
CA ASP A 28 4.71 -7.82 13.11
C ASP A 28 4.96 -9.25 12.63
N ASP A 29 3.91 -10.04 12.53
CA ASP A 29 4.04 -11.44 12.11
C ASP A 29 4.02 -11.57 10.58
N ILE A 30 3.86 -10.44 9.89
CA ILE A 30 3.78 -10.45 8.44
C ILE A 30 5.16 -10.28 7.82
N THR A 31 5.55 -11.23 7.00
CA THR A 31 6.81 -11.15 6.26
C THR A 31 6.61 -10.30 5.01
N VAL A 32 7.71 -9.86 4.40
CA VAL A 32 7.63 -9.04 3.20
C VAL A 32 6.85 -9.78 2.11
N LYS A 33 7.08 -11.08 2.00
CA LYS A 33 6.39 -11.90 1.01
C LYS A 33 4.90 -12.00 1.33
N GLN A 34 4.58 -12.28 2.59
CA GLN A 34 3.17 -12.38 3.00
C GLN A 34 2.44 -11.08 2.72
N ALA A 35 3.08 -9.98 3.04
CA ALA A 35 2.53 -8.66 2.80
C ALA A 35 2.33 -8.42 1.30
N THR A 36 3.35 -8.77 0.51
CA THR A 36 3.28 -8.60 -0.93
C THR A 36 2.19 -9.49 -1.54
N GLU A 37 2.17 -10.75 -1.13
CA GLU A 37 1.22 -11.71 -1.66
C GLU A 37 -0.20 -11.37 -1.24
N LYS A 38 -0.33 -10.71 -0.10
CA LYS A 38 -1.64 -10.28 0.40
C LYS A 38 -2.25 -9.26 -0.55
N CYS A 39 -1.42 -8.35 -1.05
CA CYS A 39 -1.84 -7.34 -2.00
C CYS A 39 -1.42 -7.72 -3.42
N GLY A 40 -1.03 -8.98 -3.61
CA GLY A 40 -0.43 -9.41 -4.85
C GLY A 40 -1.32 -9.25 -6.07
N ASP A 41 -0.71 -9.41 -7.24
CA ASP A 41 -1.38 -9.33 -8.55
C ASP A 41 -1.75 -7.88 -8.89
N GLN A 42 -2.68 -7.29 -8.16
CA GLN A 42 -3.22 -5.99 -8.55
C GLN A 42 -2.51 -4.83 -7.86
N ALA A 43 -1.63 -5.13 -6.91
CA ALA A 43 -0.99 -4.08 -6.15
C ALA A 43 0.49 -4.38 -5.92
N GLN A 44 1.22 -3.35 -5.54
CA GLN A 44 2.62 -3.46 -5.22
C GLN A 44 2.88 -2.83 -3.84
N LEU A 45 3.70 -3.48 -3.02
CA LEU A 45 4.05 -2.93 -1.71
C LEU A 45 4.92 -1.70 -1.85
N SER A 46 4.59 -0.67 -1.08
CA SER A 46 5.33 0.56 -1.10
C SER A 46 5.47 1.12 0.31
N CYS A 47 6.68 1.45 0.69
CA CYS A 47 6.94 2.08 1.97
C CYS A 47 7.16 3.57 1.77
N CYS A 48 6.29 4.38 2.35
CA CYS A 48 6.33 5.82 2.17
C CYS A 48 6.54 6.51 3.51
N ASN A 49 7.32 7.59 3.49
CA ASN A 49 7.60 8.35 4.70
C ASN A 49 6.36 9.13 5.15
N LYS A 50 5.58 9.64 4.20
CA LYS A 50 4.45 10.49 4.52
C LYS A 50 3.16 9.99 3.88
N ALA A 51 2.07 10.08 4.62
CA ALA A 51 0.78 9.60 4.17
C ALA A 51 -0.30 10.65 4.35
N THR A 52 -0.97 11.01 3.26
CA THR A 52 -2.12 11.87 3.33
C THR A 52 -3.38 11.05 3.17
N TYR A 53 -4.20 11.00 4.21
CA TYR A 53 -5.39 10.17 4.19
C TYR A 53 -6.57 10.98 3.68
N ALA A 54 -7.32 10.39 2.76
CA ALA A 54 -8.34 11.09 2.00
C ALA A 54 -9.49 11.59 2.87
N GLY A 55 -9.72 10.90 3.98
CA GLY A 55 -10.77 11.32 4.89
C GLY A 55 -10.36 12.52 5.73
N ASP A 56 -9.06 12.74 5.85
CA ASP A 56 -8.55 13.81 6.71
C ASP A 56 -8.31 15.10 5.93
N VAL A 57 -8.32 15.00 4.62
CA VAL A 57 -8.15 16.16 3.75
C VAL A 57 -9.34 16.31 2.82
N THR A 58 -9.66 17.54 2.43
CA THR A 58 -10.83 17.78 1.60
C THR A 58 -10.45 18.17 0.17
N ASP A 59 -9.15 18.16 -0.12
CA ASP A 59 -8.66 18.49 -1.46
C ASP A 59 -8.45 17.23 -2.30
N ILE A 60 -8.76 16.09 -1.70
CA ILE A 60 -8.61 14.81 -2.38
C ILE A 60 -9.96 14.12 -2.47
N ASP A 61 -10.25 13.55 -3.63
CA ASP A 61 -11.50 12.87 -3.86
C ASP A 61 -11.40 11.42 -3.40
N GLU A 62 -12.04 11.11 -2.30
CA GLU A 62 -11.99 9.76 -1.73
C GLU A 62 -12.70 8.75 -2.63
N GLY A 63 -13.71 9.21 -3.37
CA GLY A 63 -14.49 8.31 -4.19
C GLY A 63 -13.69 7.69 -5.32
N ILE A 64 -12.83 8.50 -5.93
CA ILE A 64 -11.96 8.01 -7.00
C ILE A 64 -10.99 6.97 -6.45
N LEU A 65 -10.36 7.30 -5.33
CA LEU A 65 -9.37 6.43 -4.72
C LEU A 65 -10.01 5.15 -4.21
N ALA A 66 -11.14 5.29 -3.51
CA ALA A 66 -11.86 4.14 -2.98
C ALA A 66 -12.37 3.25 -4.10
N GLY A 67 -12.87 3.86 -5.15
CA GLY A 67 -13.36 3.10 -6.29
C GLY A 67 -12.28 2.25 -6.93
N THR A 68 -11.12 2.84 -7.17
CA THR A 68 -10.01 2.14 -7.80
C THR A 68 -9.36 1.14 -6.86
N LEU A 69 -9.20 1.52 -5.60
CA LEU A 69 -8.54 0.69 -4.61
C LEU A 69 -9.44 -0.47 -4.17
N LYS A 70 -10.74 -0.30 -4.33
CA LYS A 70 -11.72 -1.27 -3.85
C LYS A 70 -11.44 -2.67 -4.38
N ASN A 71 -10.90 -2.75 -5.59
CA ASN A 71 -10.58 -4.04 -6.20
C ASN A 71 -9.51 -4.76 -5.38
N LEU A 72 -8.63 -3.99 -4.76
CA LEU A 72 -7.56 -4.54 -3.95
C LEU A 72 -8.09 -4.85 -2.54
N ILE A 73 -9.01 -4.01 -2.08
CA ILE A 73 -9.61 -4.20 -0.76
C ILE A 73 -10.39 -5.51 -0.71
N GLY A 74 -11.17 -5.75 -1.75
CA GLY A 74 -11.95 -6.97 -1.84
C GLY A 74 -13.27 -6.87 -1.09
N GLY A 75 -13.19 -6.93 0.23
CA GLY A 75 -14.39 -6.85 1.04
C GLY A 75 -14.82 -5.43 1.31
N GLY A 76 -14.31 -4.86 2.39
CA GLY A 76 -14.66 -3.49 2.74
C GLY A 76 -14.04 -3.07 4.06
N SER A 77 -14.44 -1.90 4.54
CA SER A 77 -13.96 -1.37 5.82
C SER A 77 -12.45 -1.12 5.79
N GLY A 78 -11.99 -0.28 4.88
CA GLY A 78 -10.59 0.05 4.81
C GLY A 78 -10.32 1.40 4.17
N THR A 79 -11.37 2.20 4.01
CA THR A 79 -11.24 3.50 3.37
C THR A 79 -10.60 4.52 4.30
N GLU A 80 -10.64 4.24 5.59
CA GLU A 80 -10.04 5.13 6.59
C GLU A 80 -8.52 5.14 6.50
N GLY A 81 -7.97 4.15 5.78
CA GLY A 81 -6.53 4.09 5.59
C GLY A 81 -6.15 4.28 4.15
N LEU A 82 -7.02 4.95 3.41
CA LEU A 82 -6.83 5.15 1.98
C LEU A 82 -6.49 6.61 1.71
N GLY A 83 -5.60 6.85 0.75
CA GLY A 83 -5.27 8.22 0.40
C GLY A 83 -4.09 8.33 -0.55
N LEU A 84 -3.36 9.44 -0.42
CA LEU A 84 -2.25 9.76 -1.31
C LEU A 84 -0.95 9.73 -0.51
N PHE A 85 0.01 8.97 -0.98
CA PHE A 85 1.24 8.75 -0.23
C PHE A 85 2.43 9.40 -0.96
N ASN A 86 3.33 10.02 -0.20
CA ASN A 86 4.48 10.70 -0.78
C ASN A 86 5.79 10.10 -0.25
N GLN A 87 6.85 10.22 -1.04
CA GLN A 87 8.17 9.71 -0.68
C GLN A 87 8.11 8.19 -0.53
N CYS A 88 7.70 7.54 -1.60
CA CYS A 88 7.45 6.11 -1.59
C CYS A 88 8.60 5.31 -2.20
N SER A 89 8.87 4.15 -1.61
CA SER A 89 9.88 3.24 -2.14
C SER A 89 9.31 1.82 -2.17
N LYS A 90 9.56 1.10 -3.25
CA LYS A 90 9.00 -0.23 -3.43
C LYS A 90 9.80 -1.26 -2.65
N LEU A 91 9.10 -2.26 -2.12
CA LEU A 91 9.75 -3.27 -1.30
C LEU A 91 10.21 -4.46 -2.13
N ASP A 92 11.50 -4.76 -2.02
CA ASP A 92 12.07 -5.91 -2.72
C ASP A 92 11.89 -7.17 -1.88
N LEU A 93 11.69 -8.29 -2.54
CA LEU A 93 11.46 -9.56 -1.86
C LEU A 93 12.74 -10.38 -1.76
N GLN A 94 13.10 -10.78 -0.56
CA GLN A 94 14.17 -11.74 -0.37
C GLN A 94 13.61 -13.16 -0.42
N ILE A 95 13.80 -13.81 -1.56
CA ILE A 95 13.32 -15.16 -1.73
C ILE A 95 14.45 -16.15 -1.51
N PRO A 96 14.29 -17.10 -0.58
CA PRO A 96 15.32 -18.12 -0.31
C PRO A 96 15.51 -19.07 -1.48
N ILE A 97 16.42 -18.71 -2.36
CA ILE A 97 16.74 -19.55 -3.51
C ILE A 97 17.66 -20.68 -3.08
N ILE A 98 17.05 -21.83 -2.74
CA ILE A 98 17.76 -23.01 -2.24
C ILE A 98 18.90 -22.64 -1.28
N GLY A 99 18.53 -22.06 -0.15
CA GLY A 99 19.51 -21.64 0.83
C GLY A 99 18.96 -21.70 2.24
N ILE A 100 18.56 -20.56 2.76
CA ILE A 100 18.04 -20.48 4.13
C ILE A 100 16.72 -19.73 4.17
N PRO A 101 15.61 -20.45 4.37
CA PRO A 101 14.27 -19.84 4.50
C PRO A 101 14.16 -18.94 5.72
N ILE A 102 14.34 -17.64 5.52
CA ILE A 102 14.28 -16.68 6.61
C ILE A 102 12.91 -16.04 6.66
N GLN A 103 12.29 -16.06 7.83
CA GLN A 103 11.02 -15.39 8.04
C GLN A 103 11.27 -13.90 8.24
N ASP A 104 11.59 -13.22 7.15
CA ASP A 104 11.95 -11.81 7.21
C ASP A 104 10.70 -10.95 7.32
N LEU A 105 10.49 -10.41 8.52
CA LEU A 105 9.31 -9.61 8.81
C LEU A 105 9.37 -8.27 8.09
N VAL A 106 8.26 -7.86 7.51
CA VAL A 106 8.21 -6.67 6.68
C VAL A 106 8.47 -5.40 7.52
N ASN A 107 8.10 -5.46 8.79
CA ASN A 107 8.32 -4.34 9.71
C ASN A 107 9.81 -4.21 10.04
N GLN A 108 10.59 -5.23 9.71
CA GLN A 108 12.00 -5.26 10.05
C GLN A 108 12.83 -4.49 9.03
N LYS A 109 12.36 -4.41 7.78
CA LYS A 109 13.10 -3.66 6.77
C LYS A 109 12.37 -2.36 6.41
N CYS A 110 11.11 -2.28 6.78
CA CYS A 110 10.33 -1.08 6.53
C CYS A 110 10.05 -0.34 7.85
N LYS A 111 10.65 0.84 8.01
CA LYS A 111 10.39 1.66 9.18
C LYS A 111 9.46 2.82 8.81
N GLN A 112 8.94 2.73 7.60
CA GLN A 112 7.98 3.69 7.08
C GLN A 112 6.60 3.03 7.10
N ASN A 113 5.54 3.80 6.90
CA ASN A 113 4.20 3.19 6.88
C ASN A 113 4.03 2.33 5.63
N ILE A 114 3.59 1.09 5.83
CA ILE A 114 3.49 0.13 4.73
C ILE A 114 2.14 0.23 4.05
N ALA A 115 2.15 0.43 2.74
CA ALA A 115 0.93 0.55 1.98
C ALA A 115 0.98 -0.26 0.71
N CYS A 116 -0.19 -0.63 0.21
CA CYS A 116 -0.31 -1.31 -1.06
C CYS A 116 -0.84 -0.33 -2.09
N CYS A 117 -0.18 -0.24 -3.22
CA CYS A 117 -0.59 0.71 -4.25
C CYS A 117 -1.14 -0.03 -5.45
N GLN A 118 -2.21 0.51 -6.01
CA GLN A 118 -2.93 -0.16 -7.09
C GLN A 118 -2.17 -0.01 -8.40
N ASN A 119 -2.03 -1.10 -9.13
CA ASN A 119 -1.31 -1.09 -10.39
C ASN A 119 -2.21 -0.63 -11.52
N SER A 120 -2.82 0.52 -11.33
CA SER A 120 -3.68 1.11 -12.33
C SER A 120 -3.12 2.45 -12.78
N PRO A 121 -2.88 2.62 -14.09
CA PRO A 121 -2.33 3.86 -14.64
C PRO A 121 -3.18 5.08 -14.28
N SER A 122 -2.75 5.79 -13.25
CA SER A 122 -3.42 7.01 -12.83
C SER A 122 -3.03 8.17 -13.75
N ASP A 123 -3.27 7.97 -15.04
CA ASP A 123 -2.87 8.93 -16.06
C ASP A 123 -3.92 10.04 -16.17
N ALA A 124 -4.31 10.57 -15.03
CA ALA A 124 -5.32 11.62 -14.97
C ALA A 124 -4.71 12.95 -15.39
N SER A 125 -3.42 13.09 -15.15
CA SER A 125 -2.68 14.26 -15.58
C SER A 125 -1.42 13.81 -16.32
N GLY A 126 -1.57 12.73 -17.07
CA GLY A 126 -0.45 12.16 -17.78
C GLY A 126 0.57 11.57 -16.82
N SER A 127 1.84 11.73 -17.15
CA SER A 127 2.91 11.30 -16.27
C SER A 127 3.21 12.36 -15.23
N LEU A 128 2.69 13.56 -15.48
CA LEU A 128 2.89 14.68 -14.58
C LEU A 128 1.92 14.61 -13.41
N ILE A 129 2.17 13.66 -12.51
CA ILE A 129 1.35 13.48 -11.33
C ILE A 129 2.22 13.40 -10.09
N GLY A 130 3.10 14.38 -9.94
CA GLY A 130 4.03 14.39 -8.83
C GLY A 130 3.40 14.87 -7.55
N LEU A 131 2.13 14.55 -7.38
CA LEU A 131 1.40 14.90 -6.18
C LEU A 131 1.54 13.78 -5.15
N GLY A 132 1.76 12.58 -5.64
CA GLY A 132 1.91 11.43 -4.78
C GLY A 132 1.40 10.17 -5.45
N LEU A 133 1.43 9.06 -4.74
CA LEU A 133 0.92 7.80 -5.25
C LEU A 133 -0.35 7.41 -4.50
N PRO A 134 -1.39 6.95 -5.21
CA PRO A 134 -2.59 6.44 -4.55
C PRO A 134 -2.33 5.06 -3.96
N CYS A 135 -2.52 4.94 -2.66
CA CYS A 135 -2.17 3.71 -1.96
C CYS A 135 -3.04 3.54 -0.72
N ILE A 136 -3.12 2.32 -0.22
CA ILE A 136 -3.89 2.04 0.99
C ILE A 136 -3.00 1.35 2.02
N ALA A 137 -3.10 1.78 3.27
CA ALA A 137 -2.35 1.15 4.35
C ALA A 137 -2.73 -0.32 4.48
N LEU A 138 -1.73 -1.20 4.42
CA LEU A 138 -1.96 -2.64 4.42
C LEU A 138 -2.65 -3.10 5.72
N GLY A 139 -2.40 -2.39 6.81
CA GLY A 139 -3.01 -2.74 8.07
C GLY A 139 -4.53 -2.56 8.05
N SER A 140 -5.04 -1.82 7.07
CA SER A 140 -6.47 -1.55 7.00
C SER A 140 -7.24 -2.81 6.61
N ILE A 141 -6.62 -3.69 5.84
CA ILE A 141 -7.27 -4.91 5.38
C ILE A 141 -6.87 -6.11 6.23
N LEU A 142 -5.88 -5.91 7.10
CA LEU A 142 -5.38 -6.97 7.99
C LEU A 142 -5.04 -8.24 7.22
N VAL A 22 1.75 6.15 11.46
CA VAL A 22 1.02 5.06 10.85
C VAL A 22 -0.35 4.93 11.50
N ARG A 23 -1.40 5.16 10.73
CA ARG A 23 -2.76 5.10 11.26
C ARG A 23 -3.21 3.65 11.46
N PHE A 24 -2.66 2.75 10.66
CA PHE A 24 -2.97 1.33 10.76
C PHE A 24 -1.70 0.51 10.65
N PRO A 25 -1.13 0.10 11.79
CA PRO A 25 0.10 -0.67 11.84
C PRO A 25 -0.05 -2.09 11.28
N VAL A 26 0.95 -2.53 10.54
CA VAL A 26 0.94 -3.86 9.97
C VAL A 26 1.42 -4.87 11.02
N PRO A 27 0.71 -6.01 11.16
CA PRO A 27 1.11 -7.06 12.10
C PRO A 27 2.57 -7.46 11.92
N ASP A 28 3.29 -7.59 13.04
CA ASP A 28 4.72 -7.86 13.01
C ASP A 28 5.02 -9.30 12.58
N ASP A 29 3.99 -10.12 12.52
CA ASP A 29 4.16 -11.52 12.12
C ASP A 29 4.02 -11.68 10.61
N ILE A 30 3.89 -10.57 9.90
CA ILE A 30 3.77 -10.60 8.46
C ILE A 30 5.14 -10.44 7.80
N THR A 31 5.57 -11.45 7.08
CA THR A 31 6.79 -11.38 6.32
C THR A 31 6.60 -10.57 5.05
N VAL A 32 7.68 -10.07 4.47
CA VAL A 32 7.58 -9.27 3.25
C VAL A 32 6.82 -10.02 2.16
N LYS A 33 7.10 -11.31 2.04
CA LYS A 33 6.40 -12.16 1.09
C LYS A 33 4.90 -12.21 1.38
N GLN A 34 4.55 -12.42 2.65
CA GLN A 34 3.15 -12.50 3.06
C GLN A 34 2.45 -11.17 2.89
N ALA A 35 3.17 -10.09 3.16
CA ALA A 35 2.63 -8.75 2.96
C ALA A 35 2.26 -8.54 1.50
N THR A 36 3.09 -9.10 0.62
CA THR A 36 2.83 -9.07 -0.80
C THR A 36 1.60 -9.90 -1.16
N GLU A 37 1.55 -11.12 -0.63
CA GLU A 37 0.43 -12.04 -0.89
C GLU A 37 -0.87 -11.49 -0.32
N LYS A 38 -0.76 -10.81 0.81
CA LYS A 38 -1.92 -10.26 1.51
C LYS A 38 -2.61 -9.21 0.64
N CYS A 39 -1.82 -8.42 -0.07
CA CYS A 39 -2.37 -7.41 -0.97
C CYS A 39 -2.58 -7.96 -2.38
N GLY A 40 -1.91 -9.04 -2.71
CA GLY A 40 -2.10 -9.69 -4.00
C GLY A 40 -1.02 -9.34 -5.00
N ASP A 41 -1.10 -9.89 -6.19
CA ASP A 41 -0.07 -9.69 -7.21
C ASP A 41 -0.29 -8.38 -7.96
N GLN A 42 -1.49 -7.81 -7.84
CA GLN A 42 -1.81 -6.57 -8.53
C GLN A 42 -1.51 -5.37 -7.64
N ALA A 43 -0.81 -5.62 -6.54
CA ALA A 43 -0.49 -4.57 -5.61
C ALA A 43 0.99 -4.62 -5.23
N GLN A 44 1.65 -3.50 -5.39
CA GLN A 44 3.07 -3.42 -5.07
C GLN A 44 3.27 -2.89 -3.66
N LEU A 45 4.06 -3.60 -2.86
CA LEU A 45 4.42 -3.12 -1.53
C LEU A 45 5.26 -1.87 -1.64
N SER A 46 4.79 -0.80 -1.01
CA SER A 46 5.47 0.47 -1.08
C SER A 46 5.57 1.10 0.31
N CYS A 47 6.76 1.55 0.66
CA CYS A 47 6.99 2.20 1.94
C CYS A 47 7.17 3.70 1.76
N CYS A 48 6.28 4.48 2.34
CA CYS A 48 6.32 5.92 2.16
C CYS A 48 6.59 6.63 3.47
N ASN A 49 7.40 7.68 3.41
CA ASN A 49 7.76 8.44 4.62
C ASN A 49 6.65 9.40 5.01
N LYS A 50 5.77 9.73 4.06
CA LYS A 50 4.64 10.60 4.32
C LYS A 50 3.33 9.93 3.91
N ALA A 51 2.29 10.14 4.71
CA ALA A 51 0.99 9.54 4.45
C ALA A 51 -0.13 10.56 4.58
N THR A 52 -0.97 10.68 3.55
CA THR A 52 -2.16 11.50 3.63
C THR A 52 -3.38 10.64 3.39
N TYR A 53 -4.23 10.52 4.41
CA TYR A 53 -5.42 9.68 4.31
C TYR A 53 -6.61 10.52 3.89
N ALA A 54 -7.34 10.01 2.90
CA ALA A 54 -8.42 10.77 2.26
C ALA A 54 -9.56 11.06 3.23
N GLY A 55 -9.71 10.20 4.22
CA GLY A 55 -10.73 10.41 5.22
C GLY A 55 -10.46 11.63 6.09
N ASP A 56 -9.20 12.04 6.18
CA ASP A 56 -8.85 13.16 7.06
C ASP A 56 -8.82 14.48 6.30
N VAL A 57 -8.73 14.40 4.98
CA VAL A 57 -8.63 15.59 4.15
C VAL A 57 -9.78 15.67 3.14
N THR A 58 -10.50 16.78 3.18
CA THR A 58 -11.65 16.97 2.31
C THR A 58 -11.25 17.53 0.95
N ASP A 59 -10.02 18.03 0.85
CA ASP A 59 -9.52 18.61 -0.39
C ASP A 59 -9.22 17.54 -1.44
N ILE A 60 -9.15 16.30 -0.99
CA ILE A 60 -8.85 15.19 -1.89
C ILE A 60 -10.13 14.41 -2.18
N ASP A 61 -10.38 14.17 -3.47
CA ASP A 61 -11.58 13.45 -3.88
C ASP A 61 -11.49 11.98 -3.50
N GLU A 62 -12.25 11.61 -2.49
CA GLU A 62 -12.27 10.24 -1.99
C GLU A 62 -12.87 9.29 -3.01
N GLY A 63 -13.78 9.80 -3.83
CA GLY A 63 -14.48 8.97 -4.79
C GLY A 63 -13.56 8.36 -5.84
N ILE A 64 -12.66 9.18 -6.37
CA ILE A 64 -11.70 8.72 -7.36
C ILE A 64 -10.78 7.68 -6.76
N LEU A 65 -10.29 7.96 -5.57
CA LEU A 65 -9.37 7.06 -4.87
C LEU A 65 -10.07 5.75 -4.53
N ALA A 66 -11.30 5.85 -4.04
CA ALA A 66 -12.06 4.67 -3.68
C ALA A 66 -12.39 3.84 -4.90
N GLY A 67 -12.72 4.50 -5.99
CA GLY A 67 -13.04 3.81 -7.22
C GLY A 67 -11.86 3.03 -7.78
N THR A 68 -10.70 3.69 -7.82
CA THR A 68 -9.51 3.08 -8.39
C THR A 68 -8.99 1.93 -7.53
N LEU A 69 -9.00 2.14 -6.22
CA LEU A 69 -8.50 1.13 -5.29
C LEU A 69 -9.50 0.00 -5.14
N LYS A 70 -10.77 0.28 -5.36
CA LYS A 70 -11.81 -0.75 -5.25
C LYS A 70 -11.54 -1.92 -6.19
N ASN A 71 -10.92 -1.61 -7.34
CA ASN A 71 -10.56 -2.63 -8.31
C ASN A 71 -9.55 -3.60 -7.72
N LEU A 72 -8.75 -3.11 -6.78
CA LEU A 72 -7.75 -3.93 -6.11
C LEU A 72 -8.37 -4.65 -4.92
N ILE A 73 -9.26 -3.96 -4.22
CA ILE A 73 -9.91 -4.50 -3.03
C ILE A 73 -10.92 -5.58 -3.42
N GLY A 74 -11.60 -5.36 -4.53
CA GLY A 74 -12.62 -6.29 -4.97
C GLY A 74 -14.01 -5.73 -4.74
N GLY A 75 -14.42 -5.69 -3.48
CA GLY A 75 -15.72 -5.13 -3.12
C GLY A 75 -15.62 -4.24 -1.90
N GLY A 76 -16.13 -3.03 -2.02
CA GLY A 76 -16.06 -2.08 -0.93
C GLY A 76 -14.83 -1.21 -1.04
N SER A 77 -14.54 -0.45 0.01
CA SER A 77 -13.38 0.42 0.00
C SER A 77 -12.94 0.76 1.42
N GLY A 78 -11.75 0.31 1.81
CA GLY A 78 -11.20 0.67 3.10
C GLY A 78 -10.62 2.07 3.07
N THR A 79 -11.48 3.06 3.16
CA THR A 79 -11.10 4.45 2.99
C THR A 79 -10.26 4.96 4.16
N GLU A 80 -10.32 4.27 5.29
CA GLU A 80 -9.52 4.63 6.46
C GLU A 80 -8.03 4.56 6.18
N GLY A 81 -7.64 3.61 5.34
CA GLY A 81 -6.24 3.47 4.98
C GLY A 81 -5.96 3.93 3.57
N LEU A 82 -6.91 4.65 3.00
CA LEU A 82 -6.84 5.07 1.61
C LEU A 82 -6.46 6.54 1.51
N GLY A 83 -5.64 6.89 0.53
CA GLY A 83 -5.29 8.27 0.32
C GLY A 83 -4.11 8.43 -0.61
N LEU A 84 -3.43 9.57 -0.50
CA LEU A 84 -2.27 9.86 -1.31
C LEU A 84 -1.01 9.72 -0.48
N PHE A 85 -0.11 8.87 -0.92
CA PHE A 85 1.13 8.64 -0.21
C PHE A 85 2.29 9.29 -0.95
N ASN A 86 3.14 10.00 -0.22
CA ASN A 86 4.22 10.76 -0.82
C ASN A 86 5.56 10.26 -0.29
N GLN A 87 6.62 10.44 -1.07
CA GLN A 87 7.95 9.99 -0.67
C GLN A 87 7.93 8.48 -0.44
N CYS A 88 7.56 7.76 -1.47
CA CYS A 88 7.33 6.33 -1.35
C CYS A 88 8.24 5.55 -2.29
N SER A 89 8.79 4.45 -1.79
CA SER A 89 9.65 3.59 -2.58
C SER A 89 9.19 2.14 -2.47
N LYS A 90 9.42 1.37 -3.52
CA LYS A 90 8.97 -0.02 -3.58
C LYS A 90 9.89 -0.92 -2.77
N LEU A 91 9.33 -1.95 -2.18
CA LEU A 91 10.11 -2.91 -1.40
C LEU A 91 10.60 -4.04 -2.29
N ASP A 92 11.85 -4.43 -2.10
CA ASP A 92 12.44 -5.56 -2.81
C ASP A 92 12.06 -6.86 -2.14
N LEU A 93 11.55 -7.80 -2.93
CA LEU A 93 11.08 -9.07 -2.38
C LEU A 93 12.19 -10.10 -2.38
N GLN A 94 12.55 -10.58 -1.21
CA GLN A 94 13.45 -11.71 -1.09
C GLN A 94 12.64 -12.94 -0.69
N ILE A 95 12.36 -13.79 -1.66
CA ILE A 95 11.52 -14.95 -1.43
C ILE A 95 12.32 -16.24 -1.61
N PRO A 96 12.52 -17.00 -0.51
CA PRO A 96 13.17 -18.29 -0.59
C PRO A 96 12.17 -19.40 -0.99
N ILE A 97 12.46 -20.09 -2.07
CA ILE A 97 11.59 -21.14 -2.55
C ILE A 97 12.12 -22.51 -2.14
N ILE A 98 11.87 -22.87 -0.89
CA ILE A 98 12.26 -24.18 -0.34
C ILE A 98 13.77 -24.34 -0.30
N GLY A 99 14.34 -24.09 0.86
CA GLY A 99 15.78 -24.20 1.02
C GLY A 99 16.23 -23.61 2.33
N ILE A 100 16.13 -22.31 2.44
CA ILE A 100 16.49 -21.61 3.66
C ILE A 100 15.23 -21.06 4.34
N PRO A 101 14.88 -21.58 5.53
CA PRO A 101 13.75 -21.07 6.31
C PRO A 101 13.98 -19.63 6.78
N ILE A 102 13.57 -18.68 5.96
CA ILE A 102 13.74 -17.27 6.28
C ILE A 102 12.39 -16.64 6.59
N GLN A 103 12.29 -16.04 7.76
CA GLN A 103 11.07 -15.37 8.17
C GLN A 103 11.34 -13.87 8.27
N ASP A 104 11.42 -13.22 7.12
CA ASP A 104 11.77 -11.81 7.06
C ASP A 104 10.53 -10.94 7.21
N LEU A 105 10.37 -10.37 8.40
CA LEU A 105 9.19 -9.59 8.73
C LEU A 105 9.22 -8.25 8.00
N VAL A 106 8.07 -7.87 7.43
CA VAL A 106 7.97 -6.65 6.64
C VAL A 106 8.21 -5.41 7.51
N ASN A 107 7.86 -5.52 8.79
CA ASN A 107 8.10 -4.44 9.75
C ASN A 107 9.60 -4.33 10.07
N GLN A 108 10.36 -5.36 9.74
CA GLN A 108 11.78 -5.39 10.07
C GLN A 108 12.59 -4.66 9.00
N LYS A 109 12.07 -4.58 7.78
CA LYS A 109 12.79 -3.90 6.73
C LYS A 109 12.14 -2.56 6.38
N CYS A 110 10.90 -2.38 6.79
CA CYS A 110 10.21 -1.13 6.56
C CYS A 110 9.96 -0.37 7.87
N LYS A 111 10.58 0.79 8.00
CA LYS A 111 10.35 1.66 9.16
C LYS A 111 9.37 2.78 8.79
N GLN A 112 8.91 2.73 7.55
CA GLN A 112 8.04 3.74 6.99
C GLN A 112 6.62 3.18 6.86
N ASN A 113 5.67 4.03 6.49
CA ASN A 113 4.28 3.59 6.31
C ASN A 113 4.20 2.56 5.18
N ILE A 114 3.69 1.37 5.50
CA ILE A 114 3.58 0.29 4.53
C ILE A 114 2.23 0.35 3.83
N ALA A 115 2.25 0.56 2.52
CA ALA A 115 1.02 0.64 1.76
C ALA A 115 1.12 -0.21 0.50
N CYS A 116 -0.03 -0.65 0.03
CA CYS A 116 -0.10 -1.41 -1.20
C CYS A 116 -0.75 -0.57 -2.28
N CYS A 117 -0.11 -0.50 -3.43
CA CYS A 117 -0.56 0.36 -4.51
C CYS A 117 -1.05 -0.46 -5.69
N GLN A 118 -2.14 0.00 -6.30
CA GLN A 118 -2.74 -0.66 -7.45
C GLN A 118 -1.85 -0.51 -8.68
N ASN A 119 -1.55 -1.62 -9.35
CA ASN A 119 -0.65 -1.60 -10.50
C ASN A 119 -1.38 -1.28 -11.80
N SER A 120 -2.47 -0.54 -11.69
CA SER A 120 -3.25 -0.16 -12.86
C SER A 120 -2.97 1.28 -13.26
N PRO A 121 -2.26 1.48 -14.39
CA PRO A 121 -1.96 2.81 -14.90
C PRO A 121 -3.14 3.42 -15.66
N SER A 122 -4.33 3.29 -15.07
CA SER A 122 -5.55 3.78 -15.69
C SER A 122 -5.69 5.29 -15.51
N ASP A 123 -5.72 5.73 -14.26
CA ASP A 123 -5.78 7.15 -13.96
C ASP A 123 -4.51 7.60 -13.26
N ALA A 124 -3.58 6.68 -13.12
CA ALA A 124 -2.31 6.97 -12.48
C ALA A 124 -1.30 7.52 -13.48
N SER A 125 -1.61 7.32 -14.76
CA SER A 125 -0.74 7.78 -15.83
C SER A 125 -0.97 9.26 -16.13
N GLY A 126 -0.59 10.10 -15.18
CA GLY A 126 -0.74 11.53 -15.35
C GLY A 126 0.44 12.28 -14.77
N SER A 127 0.89 13.32 -15.46
CA SER A 127 2.02 14.09 -14.99
C SER A 127 1.55 15.31 -14.20
N LEU A 128 0.26 15.61 -14.33
CA LEU A 128 -0.31 16.77 -13.66
C LEU A 128 -0.94 16.38 -12.33
N ILE A 129 -0.53 15.23 -11.80
CA ILE A 129 -1.04 14.76 -10.52
C ILE A 129 0.10 14.41 -9.58
N GLY A 130 0.98 15.38 -9.37
CA GLY A 130 2.12 15.18 -8.47
C GLY A 130 1.73 15.29 -7.01
N LEU A 131 0.44 15.09 -6.75
CA LEU A 131 -0.09 15.16 -5.39
C LEU A 131 0.37 13.95 -4.58
N GLY A 132 0.59 12.85 -5.26
CA GLY A 132 1.08 11.65 -4.60
C GLY A 132 0.69 10.40 -5.35
N LEU A 133 0.92 9.26 -4.73
CA LEU A 133 0.56 7.98 -5.32
C LEU A 133 -0.64 7.41 -4.57
N PRO A 134 -1.70 7.00 -5.28
CA PRO A 134 -2.85 6.36 -4.64
C PRO A 134 -2.49 4.96 -4.16
N CYS A 135 -2.64 4.74 -2.87
CA CYS A 135 -2.25 3.48 -2.25
C CYS A 135 -3.10 3.26 -1.00
N ILE A 136 -3.14 2.03 -0.51
CA ILE A 136 -3.89 1.72 0.69
C ILE A 136 -2.98 1.08 1.74
N ALA A 137 -3.08 1.57 2.98
CA ALA A 137 -2.30 1.05 4.08
C ALA A 137 -2.64 -0.43 4.35
N LEU A 138 -1.62 -1.27 4.35
CA LEU A 138 -1.79 -2.70 4.56
C LEU A 138 -2.31 -2.98 5.98
N GLY A 139 -2.00 -2.09 6.91
CA GLY A 139 -2.47 -2.27 8.27
C GLY A 139 -3.98 -2.15 8.41
N SER A 140 -4.63 -1.54 7.43
CA SER A 140 -6.08 -1.36 7.48
C SER A 140 -6.80 -2.71 7.33
N ILE A 141 -6.17 -3.64 6.62
CA ILE A 141 -6.74 -4.97 6.46
C ILE A 141 -6.09 -5.97 7.40
N LEU A 142 -5.11 -5.48 8.17
CA LEU A 142 -4.39 -6.28 9.15
C LEU A 142 -3.92 -7.62 8.58
N VAL A 22 1.69 5.60 12.04
CA VAL A 22 0.84 5.00 11.03
C VAL A 22 -0.52 4.66 11.64
N ARG A 23 -1.60 5.12 10.99
CA ARG A 23 -2.96 4.97 11.52
C ARG A 23 -3.34 3.50 11.64
N PHE A 24 -2.81 2.66 10.77
CA PHE A 24 -3.07 1.24 10.80
C PHE A 24 -1.77 0.47 10.55
N PRO A 25 -1.03 0.12 11.60
CA PRO A 25 0.22 -0.64 11.47
C PRO A 25 -0.02 -2.07 11.00
N VAL A 26 0.91 -2.57 10.21
CA VAL A 26 0.87 -3.95 9.74
C VAL A 26 1.46 -4.84 10.82
N PRO A 27 0.79 -5.95 11.17
CA PRO A 27 1.31 -6.89 12.17
C PRO A 27 2.75 -7.30 11.88
N ASP A 28 3.58 -7.29 12.91
CA ASP A 28 5.02 -7.50 12.77
C ASP A 28 5.32 -8.93 12.34
N ASP A 29 4.36 -9.82 12.50
CA ASP A 29 4.56 -11.23 12.20
C ASP A 29 4.39 -11.52 10.71
N ILE A 30 4.16 -10.48 9.92
CA ILE A 30 4.00 -10.63 8.49
C ILE A 30 5.34 -10.51 7.78
N THR A 31 5.66 -11.50 6.95
CA THR A 31 6.88 -11.49 6.17
C THR A 31 6.66 -10.70 4.88
N VAL A 32 7.74 -10.31 4.22
CA VAL A 32 7.63 -9.54 2.97
C VAL A 32 6.78 -10.29 1.95
N LYS A 33 7.00 -11.60 1.84
CA LYS A 33 6.25 -12.43 0.91
C LYS A 33 4.76 -12.45 1.27
N GLN A 34 4.46 -12.64 2.55
CA GLN A 34 3.07 -12.69 3.01
C GLN A 34 2.40 -11.34 2.89
N ALA A 35 3.14 -10.28 3.14
CA ALA A 35 2.62 -8.93 3.00
C ALA A 35 2.25 -8.65 1.54
N THR A 36 3.13 -9.07 0.64
CA THR A 36 2.88 -8.89 -0.79
C THR A 36 1.64 -9.63 -1.24
N GLU A 37 1.50 -10.89 -0.80
CA GLU A 37 0.34 -11.70 -1.14
C GLU A 37 -0.93 -11.10 -0.55
N LYS A 38 -0.80 -10.45 0.61
CA LYS A 38 -1.95 -9.85 1.26
C LYS A 38 -2.41 -8.61 0.50
N CYS A 39 -1.48 -7.92 -0.14
CA CYS A 39 -1.84 -6.80 -1.02
C CYS A 39 -2.36 -7.33 -2.36
N GLY A 40 -1.98 -8.56 -2.68
CA GLY A 40 -2.37 -9.17 -3.93
C GLY A 40 -1.32 -9.03 -5.00
N ASP A 41 -1.52 -9.68 -6.14
CA ASP A 41 -0.54 -9.64 -7.22
C ASP A 41 -0.66 -8.33 -8.00
N GLN A 42 -1.81 -7.67 -7.89
CA GLN A 42 -2.03 -6.40 -8.57
C GLN A 42 -1.65 -5.23 -7.66
N ALA A 43 -0.86 -5.51 -6.65
CA ALA A 43 -0.43 -4.49 -5.72
C ALA A 43 1.03 -4.68 -5.34
N GLN A 44 1.73 -3.58 -5.17
CA GLN A 44 3.13 -3.62 -4.79
C GLN A 44 3.32 -2.95 -3.44
N LEU A 45 4.08 -3.58 -2.56
CA LEU A 45 4.35 -3.01 -1.23
C LEU A 45 5.15 -1.73 -1.37
N SER A 46 4.64 -0.67 -0.77
CA SER A 46 5.30 0.62 -0.84
C SER A 46 5.43 1.21 0.56
N CYS A 47 6.65 1.58 0.93
CA CYS A 47 6.90 2.17 2.24
C CYS A 47 7.12 3.67 2.08
N CYS A 48 6.22 4.45 2.65
CA CYS A 48 6.23 5.89 2.44
C CYS A 48 6.43 6.64 3.75
N ASN A 49 7.24 7.70 3.72
CA ASN A 49 7.55 8.48 4.92
C ASN A 49 6.43 9.49 5.21
N LYS A 50 5.61 9.78 4.21
CA LYS A 50 4.46 10.66 4.39
C LYS A 50 3.19 9.94 3.98
N ALA A 51 2.15 10.14 4.76
CA ALA A 51 0.87 9.49 4.52
C ALA A 51 -0.27 10.50 4.61
N THR A 52 -1.02 10.64 3.53
CA THR A 52 -2.17 11.52 3.52
C THR A 52 -3.44 10.72 3.25
N TYR A 53 -4.33 10.70 4.22
CA TYR A 53 -5.54 9.89 4.13
C TYR A 53 -6.69 10.74 3.60
N ALA A 54 -7.33 10.25 2.53
CA ALA A 54 -8.30 11.04 1.77
C ALA A 54 -9.54 11.39 2.59
N GLY A 55 -9.91 10.51 3.50
CA GLY A 55 -11.08 10.76 4.33
C GLY A 55 -10.89 11.96 5.25
N ASP A 56 -9.65 12.34 5.50
CA ASP A 56 -9.36 13.43 6.43
C ASP A 56 -9.02 14.73 5.71
N VAL A 57 -8.69 14.66 4.43
CA VAL A 57 -8.32 15.84 3.68
C VAL A 57 -9.27 16.08 2.50
N THR A 58 -9.67 17.34 2.33
CA THR A 58 -10.66 17.70 1.32
C THR A 58 -10.01 17.95 -0.05
N ASP A 59 -8.70 18.15 -0.06
CA ASP A 59 -7.98 18.42 -1.31
C ASP A 59 -7.88 17.19 -2.19
N ILE A 60 -8.33 16.06 -1.67
CA ILE A 60 -8.24 14.79 -2.38
C ILE A 60 -9.63 14.22 -2.60
N ASP A 61 -9.85 13.67 -3.79
CA ASP A 61 -11.12 13.04 -4.10
C ASP A 61 -11.09 11.58 -3.70
N GLU A 62 -11.73 11.27 -2.59
CA GLU A 62 -11.75 9.92 -2.06
C GLU A 62 -12.49 8.98 -3.02
N GLY A 63 -13.53 9.49 -3.66
CA GLY A 63 -14.36 8.66 -4.50
C GLY A 63 -13.61 8.04 -5.65
N ILE A 64 -12.79 8.84 -6.31
CA ILE A 64 -11.98 8.38 -7.43
C ILE A 64 -10.97 7.35 -6.96
N LEU A 65 -10.25 7.68 -5.89
CA LEU A 65 -9.18 6.84 -5.39
C LEU A 65 -9.73 5.54 -4.82
N ALA A 66 -10.79 5.65 -4.02
CA ALA A 66 -11.41 4.49 -3.41
C ALA A 66 -11.97 3.57 -4.48
N GLY A 67 -12.51 4.15 -5.53
CA GLY A 67 -13.04 3.36 -6.63
C GLY A 67 -11.98 2.48 -7.26
N THR A 68 -10.80 3.05 -7.51
CA THR A 68 -9.72 2.30 -8.11
C THR A 68 -9.10 1.31 -7.12
N LEU A 69 -8.91 1.74 -5.88
CA LEU A 69 -8.23 0.93 -4.87
C LEU A 69 -9.12 -0.20 -4.37
N LYS A 70 -10.42 0.00 -4.45
CA LYS A 70 -11.40 -0.99 -3.99
C LYS A 70 -11.21 -2.32 -4.69
N ASN A 71 -10.68 -2.26 -5.91
CA ASN A 71 -10.44 -3.45 -6.72
C ASN A 71 -9.45 -4.40 -6.03
N LEU A 72 -8.59 -3.84 -5.19
CA LEU A 72 -7.64 -4.65 -4.43
C LEU A 72 -8.30 -5.21 -3.18
N ILE A 73 -9.17 -4.43 -2.57
CA ILE A 73 -9.85 -4.83 -1.35
C ILE A 73 -10.88 -5.92 -1.63
N GLY A 74 -11.53 -5.80 -2.78
CA GLY A 74 -12.55 -6.75 -3.15
C GLY A 74 -13.90 -6.38 -2.58
N GLY A 75 -14.44 -7.26 -1.75
CA GLY A 75 -15.74 -7.01 -1.17
C GLY A 75 -15.65 -6.42 0.22
N GLY A 76 -15.00 -5.27 0.32
CA GLY A 76 -14.85 -4.60 1.59
C GLY A 76 -14.51 -3.14 1.41
N SER A 77 -14.25 -2.45 2.51
CA SER A 77 -13.92 -1.05 2.46
C SER A 77 -12.97 -0.68 3.60
N GLY A 78 -12.17 0.36 3.37
CA GLY A 78 -11.26 0.84 4.37
C GLY A 78 -10.64 2.14 3.94
N THR A 79 -11.49 3.08 3.55
CA THR A 79 -11.06 4.33 2.96
C THR A 79 -10.40 5.26 3.99
N GLU A 80 -10.59 4.93 5.27
CA GLU A 80 -9.99 5.71 6.34
C GLU A 80 -8.47 5.55 6.34
N GLY A 81 -8.00 4.47 5.72
CA GLY A 81 -6.57 4.25 5.56
C GLY A 81 -6.15 4.37 4.11
N LEU A 82 -6.99 5.01 3.31
CA LEU A 82 -6.77 5.11 1.87
C LEU A 82 -6.50 6.55 1.49
N GLY A 83 -5.61 6.78 0.53
CA GLY A 83 -5.36 8.12 0.06
C GLY A 83 -4.09 8.24 -0.76
N LEU A 84 -3.32 9.29 -0.50
CA LEU A 84 -2.12 9.58 -1.28
C LEU A 84 -0.90 9.42 -0.39
N PHE A 85 0.10 8.73 -0.91
CA PHE A 85 1.31 8.48 -0.16
C PHE A 85 2.52 9.10 -0.88
N ASN A 86 3.26 9.94 -0.17
CA ASN A 86 4.37 10.67 -0.76
C ASN A 86 5.67 10.35 -0.04
N GLN A 87 6.79 10.60 -0.71
CA GLN A 87 8.11 10.30 -0.16
C GLN A 87 8.20 8.80 0.10
N CYS A 88 7.99 8.04 -0.95
CA CYS A 88 7.80 6.60 -0.81
C CYS A 88 8.83 5.81 -1.59
N SER A 89 9.09 4.59 -1.13
CA SER A 89 9.96 3.67 -1.83
C SER A 89 9.32 2.28 -1.81
N LYS A 90 9.25 1.64 -2.96
CA LYS A 90 8.61 0.34 -3.06
C LYS A 90 9.57 -0.77 -2.63
N LEU A 91 9.00 -1.83 -2.09
CA LEU A 91 9.79 -2.94 -1.58
C LEU A 91 9.94 -3.99 -2.67
N ASP A 92 11.15 -4.51 -2.83
CA ASP A 92 11.40 -5.55 -3.83
C ASP A 92 11.46 -6.90 -3.14
N LEU A 93 10.76 -7.87 -3.71
CA LEU A 93 10.75 -9.21 -3.15
C LEU A 93 12.12 -9.85 -3.27
N GLN A 94 12.72 -10.13 -2.12
CA GLN A 94 13.95 -10.87 -2.07
C GLN A 94 13.68 -12.27 -1.55
N ILE A 95 13.62 -13.23 -2.46
CA ILE A 95 13.48 -14.62 -2.08
C ILE A 95 14.75 -15.36 -2.44
N PRO A 96 15.52 -15.82 -1.43
CA PRO A 96 16.78 -16.51 -1.67
C PRO A 96 16.57 -17.96 -2.07
N ILE A 97 16.41 -18.17 -3.37
CA ILE A 97 16.22 -19.51 -3.90
C ILE A 97 17.58 -20.16 -4.14
N ILE A 98 18.15 -20.68 -3.06
CA ILE A 98 19.47 -21.30 -3.12
C ILE A 98 19.68 -22.18 -1.87
N GLY A 99 18.65 -22.93 -1.54
CA GLY A 99 18.71 -23.84 -0.41
C GLY A 99 17.58 -23.61 0.57
N ILE A 100 17.67 -22.53 1.34
CA ILE A 100 16.63 -22.17 2.28
C ILE A 100 16.02 -20.83 1.89
N PRO A 101 14.74 -20.82 1.47
CA PRO A 101 14.04 -19.59 1.12
C PRO A 101 13.58 -18.83 2.36
N ILE A 102 14.51 -18.13 3.00
CA ILE A 102 14.24 -17.38 4.21
C ILE A 102 13.25 -16.25 3.93
N GLN A 103 12.24 -16.16 4.78
CA GLN A 103 11.23 -15.12 4.67
C GLN A 103 11.18 -14.29 5.94
N ASP A 104 11.85 -13.17 5.91
CA ASP A 104 11.93 -12.30 7.09
C ASP A 104 10.77 -11.32 7.14
N LEU A 105 10.54 -10.80 8.33
CA LEU A 105 9.38 -9.95 8.63
C LEU A 105 9.46 -8.62 7.88
N VAL A 106 8.34 -8.23 7.27
CA VAL A 106 8.26 -7.06 6.42
C VAL A 106 8.49 -5.78 7.21
N ASN A 107 8.05 -5.77 8.47
CA ASN A 107 8.24 -4.60 9.34
C ASN A 107 9.70 -4.41 9.68
N GLN A 108 10.51 -5.43 9.45
CA GLN A 108 11.91 -5.36 9.80
C GLN A 108 12.72 -4.71 8.68
N LYS A 109 12.23 -4.79 7.44
CA LYS A 109 12.90 -4.09 6.35
C LYS A 109 12.23 -2.74 6.11
N CYS A 110 11.00 -2.61 6.58
CA CYS A 110 10.24 -1.38 6.40
C CYS A 110 10.05 -0.64 7.72
N LYS A 111 10.67 0.51 7.87
CA LYS A 111 10.47 1.33 9.05
C LYS A 111 9.52 2.50 8.75
N GLN A 112 9.03 2.54 7.53
CA GLN A 112 8.12 3.57 7.06
C GLN A 112 6.70 3.00 6.96
N ASN A 113 5.71 3.87 6.71
CA ASN A 113 4.32 3.41 6.61
C ASN A 113 4.16 2.47 5.42
N ILE A 114 3.62 1.27 5.69
CA ILE A 114 3.48 0.25 4.65
C ILE A 114 2.11 0.34 3.98
N ALA A 115 2.10 0.47 2.66
CA ALA A 115 0.86 0.55 1.91
C ALA A 115 0.88 -0.36 0.69
N CYS A 116 -0.31 -0.71 0.22
CA CYS A 116 -0.46 -1.53 -0.98
C CYS A 116 -0.94 -0.65 -2.12
N CYS A 117 -0.14 -0.51 -3.17
CA CYS A 117 -0.51 0.36 -4.28
C CYS A 117 -0.85 -0.51 -5.48
N GLN A 118 -1.89 -0.13 -6.21
CA GLN A 118 -2.39 -0.94 -7.30
C GLN A 118 -1.53 -0.77 -8.55
N ASN A 119 -1.13 -1.89 -9.12
CA ASN A 119 -0.30 -1.89 -10.32
C ASN A 119 -1.19 -1.74 -11.55
N SER A 120 -1.76 -0.55 -11.67
CA SER A 120 -2.64 -0.23 -12.79
C SER A 120 -1.93 -0.41 -14.12
N PRO A 121 -2.52 -1.20 -15.04
CA PRO A 121 -1.93 -1.47 -16.36
C PRO A 121 -2.14 -0.30 -17.33
N SER A 122 -1.75 0.88 -16.88
CA SER A 122 -1.89 2.09 -17.66
C SER A 122 -0.91 3.13 -17.13
N ASP A 123 -0.27 3.86 -18.03
CA ASP A 123 0.71 4.84 -17.63
C ASP A 123 0.09 6.22 -17.47
N ALA A 124 -0.11 6.63 -16.24
CA ALA A 124 -0.61 7.97 -15.95
C ALA A 124 0.51 8.82 -15.38
N SER A 125 1.73 8.44 -15.73
CA SER A 125 2.93 9.08 -15.22
C SER A 125 3.18 10.42 -15.93
N GLY A 126 2.32 11.39 -15.65
CA GLY A 126 2.50 12.70 -16.21
C GLY A 126 2.67 13.76 -15.13
N SER A 127 2.08 14.93 -15.34
CA SER A 127 2.21 16.03 -14.41
C SER A 127 0.99 16.11 -13.49
N LEU A 128 -0.05 15.35 -13.82
CA LEU A 128 -1.30 15.42 -13.08
C LEU A 128 -1.33 14.44 -11.92
N ILE A 129 -0.15 13.94 -11.55
CA ILE A 129 -0.02 13.06 -10.40
C ILE A 129 0.97 13.63 -9.40
N GLY A 130 1.01 14.95 -9.30
CA GLY A 130 1.94 15.61 -8.41
C GLY A 130 1.44 15.63 -6.98
N LEU A 131 0.19 15.19 -6.79
CA LEU A 131 -0.42 15.14 -5.47
C LEU A 131 0.14 13.98 -4.66
N GLY A 132 0.42 12.89 -5.35
CA GLY A 132 0.96 11.71 -4.71
C GLY A 132 0.50 10.44 -5.37
N LEU A 133 0.94 9.31 -4.86
CA LEU A 133 0.54 8.02 -5.42
C LEU A 133 -0.65 7.46 -4.65
N PRO A 134 -1.70 7.03 -5.37
CA PRO A 134 -2.86 6.39 -4.74
C PRO A 134 -2.49 5.06 -4.13
N CYS A 135 -2.73 4.91 -2.84
CA CYS A 135 -2.36 3.71 -2.13
C CYS A 135 -3.25 3.53 -0.91
N ILE A 136 -3.18 2.36 -0.29
CA ILE A 136 -3.94 2.11 0.94
C ILE A 136 -3.06 1.40 1.96
N ALA A 137 -3.14 1.84 3.22
CA ALA A 137 -2.38 1.24 4.30
C ALA A 137 -2.77 -0.23 4.48
N LEU A 138 -1.78 -1.11 4.42
CA LEU A 138 -2.01 -2.55 4.53
C LEU A 138 -2.57 -2.92 5.90
N GLY A 139 -2.27 -2.11 6.90
CA GLY A 139 -2.79 -2.36 8.23
C GLY A 139 -4.28 -2.08 8.33
N SER A 140 -4.84 -1.35 7.37
CA SER A 140 -6.26 -1.01 7.40
C SER A 140 -7.12 -2.21 7.05
N ILE A 141 -6.59 -3.12 6.24
CA ILE A 141 -7.32 -4.32 5.87
C ILE A 141 -6.91 -5.49 6.74
N LEU A 142 -5.92 -5.26 7.60
CA LEU A 142 -5.42 -6.28 8.54
C LEU A 142 -5.12 -7.59 7.84
N VAL A 22 1.78 5.80 10.87
CA VAL A 22 0.88 4.89 10.21
C VAL A 22 -0.38 4.69 11.06
N ARG A 23 -1.53 5.08 10.51
CA ARG A 23 -2.80 5.02 11.26
C ARG A 23 -3.28 3.57 11.41
N PHE A 24 -2.88 2.72 10.49
CA PHE A 24 -3.22 1.30 10.56
C PHE A 24 -1.96 0.47 10.34
N PRO A 25 -1.23 0.17 11.42
CA PRO A 25 0.04 -0.55 11.33
C PRO A 25 -0.11 -2.01 10.89
N VAL A 26 0.90 -2.50 10.18
CA VAL A 26 0.94 -3.88 9.75
C VAL A 26 1.48 -4.74 10.88
N PRO A 27 0.84 -5.89 11.16
CA PRO A 27 1.30 -6.82 12.20
C PRO A 27 2.77 -7.17 12.06
N ASP A 28 3.47 -7.16 13.20
CA ASP A 28 4.92 -7.30 13.23
C ASP A 28 5.38 -8.70 12.83
N ASP A 29 4.44 -9.65 12.86
CA ASP A 29 4.77 -11.05 12.61
C ASP A 29 4.62 -11.39 11.13
N ILE A 30 4.43 -10.37 10.30
CA ILE A 30 4.29 -10.57 8.87
C ILE A 30 5.63 -10.42 8.17
N THR A 31 6.02 -11.46 7.45
CA THR A 31 7.24 -11.42 6.66
C THR A 31 6.99 -10.69 5.34
N VAL A 32 8.05 -10.23 4.68
CA VAL A 32 7.90 -9.52 3.42
C VAL A 32 7.13 -10.38 2.41
N LYS A 33 7.46 -11.67 2.40
CA LYS A 33 6.78 -12.62 1.50
C LYS A 33 5.29 -12.70 1.83
N GLN A 34 4.96 -12.83 3.12
CA GLN A 34 3.56 -12.85 3.55
C GLN A 34 2.87 -11.53 3.21
N ALA A 35 3.56 -10.43 3.46
CA ALA A 35 3.04 -9.11 3.17
C ALA A 35 2.77 -8.95 1.69
N THR A 36 3.68 -9.49 0.87
CA THR A 36 3.54 -9.44 -0.58
C THR A 36 2.28 -10.19 -1.03
N GLU A 37 2.11 -11.40 -0.50
CA GLU A 37 0.98 -12.22 -0.87
C GLU A 37 -0.33 -11.68 -0.27
N LYS A 38 -0.26 -11.15 0.93
CA LYS A 38 -1.44 -10.60 1.60
C LYS A 38 -1.82 -9.24 0.99
N CYS A 39 -0.85 -8.62 0.33
CA CYS A 39 -1.06 -7.32 -0.31
C CYS A 39 -1.94 -7.49 -1.55
N GLY A 40 -1.98 -8.70 -2.10
CA GLY A 40 -2.74 -8.95 -3.28
C GLY A 40 -1.86 -9.17 -4.50
N ASP A 41 -2.42 -9.80 -5.53
CA ASP A 41 -1.65 -10.16 -6.71
C ASP A 41 -1.53 -8.99 -7.69
N GLN A 42 -2.34 -7.96 -7.49
CA GLN A 42 -2.29 -6.77 -8.32
C GLN A 42 -1.88 -5.55 -7.50
N ALA A 43 -1.20 -5.80 -6.40
CA ALA A 43 -0.73 -4.73 -5.54
C ALA A 43 0.77 -4.84 -5.33
N GLN A 44 1.41 -3.70 -5.16
CA GLN A 44 2.83 -3.66 -4.91
C GLN A 44 3.09 -3.14 -3.50
N LEU A 45 3.89 -3.86 -2.72
CA LEU A 45 4.30 -3.37 -1.41
C LEU A 45 5.14 -2.12 -1.57
N SER A 46 4.66 -1.02 -1.01
CA SER A 46 5.33 0.25 -1.15
C SER A 46 5.53 0.89 0.21
N CYS A 47 6.76 1.28 0.50
CA CYS A 47 7.06 2.00 1.72
C CYS A 47 7.13 3.49 1.42
N CYS A 48 6.27 4.26 2.08
CA CYS A 48 6.18 5.68 1.84
C CYS A 48 6.54 6.46 3.10
N ASN A 49 7.45 7.43 2.96
CA ASN A 49 7.89 8.25 4.08
C ASN A 49 6.79 9.23 4.50
N LYS A 50 5.95 9.61 3.55
CA LYS A 50 4.87 10.55 3.82
C LYS A 50 3.52 9.94 3.46
N ALA A 51 2.53 10.17 4.31
CA ALA A 51 1.21 9.58 4.13
C ALA A 51 0.11 10.61 4.30
N THR A 52 -0.75 10.75 3.30
CA THR A 52 -1.92 11.60 3.42
C THR A 52 -3.19 10.77 3.28
N TYR A 53 -3.97 10.70 4.35
CA TYR A 53 -5.22 9.94 4.33
C TYR A 53 -6.36 10.87 3.97
N ALA A 54 -7.20 10.41 3.04
CA ALA A 54 -8.22 11.24 2.43
C ALA A 54 -9.24 11.76 3.44
N GLY A 55 -9.53 10.96 4.45
CA GLY A 55 -10.49 11.35 5.47
C GLY A 55 -9.98 12.48 6.35
N ASP A 56 -8.70 12.78 6.26
CA ASP A 56 -8.11 13.84 7.06
C ASP A 56 -7.95 15.13 6.24
N VAL A 57 -8.05 15.01 4.93
CA VAL A 57 -7.87 16.16 4.04
C VAL A 57 -9.11 16.40 3.19
N THR A 58 -9.60 17.63 3.25
CA THR A 58 -10.81 18.02 2.55
C THR A 58 -10.56 18.41 1.10
N ASP A 59 -9.30 18.58 0.74
CA ASP A 59 -8.93 19.00 -0.60
C ASP A 59 -8.85 17.83 -1.58
N ILE A 60 -9.10 16.63 -1.08
CA ILE A 60 -8.96 15.43 -1.90
C ILE A 60 -10.29 14.70 -2.04
N ASP A 61 -10.60 14.31 -3.26
CA ASP A 61 -11.80 13.55 -3.55
C ASP A 61 -11.59 12.07 -3.23
N GLU A 62 -12.13 11.65 -2.09
CA GLU A 62 -11.99 10.27 -1.66
C GLU A 62 -12.78 9.33 -2.56
N GLY A 63 -13.87 9.83 -3.13
CA GLY A 63 -14.75 8.99 -3.92
C GLY A 63 -14.05 8.42 -5.14
N ILE A 64 -13.26 9.25 -5.80
CA ILE A 64 -12.47 8.82 -6.95
C ILE A 64 -11.47 7.75 -6.53
N LEU A 65 -10.80 8.02 -5.42
CA LEU A 65 -9.82 7.09 -4.87
C LEU A 65 -10.46 5.76 -4.53
N ALA A 66 -11.62 5.83 -3.88
CA ALA A 66 -12.34 4.63 -3.47
C ALA A 66 -12.80 3.84 -4.68
N GLY A 67 -13.35 4.53 -5.66
CA GLY A 67 -13.83 3.88 -6.86
C GLY A 67 -12.71 3.18 -7.62
N THR A 68 -11.58 3.85 -7.77
CA THR A 68 -10.47 3.31 -8.53
C THR A 68 -9.75 2.18 -7.79
N LEU A 69 -9.50 2.39 -6.50
CA LEU A 69 -8.77 1.41 -5.71
C LEU A 69 -9.65 0.20 -5.39
N LYS A 70 -10.96 0.39 -5.44
CA LYS A 70 -11.91 -0.68 -5.13
C LYS A 70 -11.63 -1.92 -6.00
N ASN A 71 -11.11 -1.69 -7.19
CA ASN A 71 -10.74 -2.78 -8.11
C ASN A 71 -9.65 -3.65 -7.50
N LEU A 72 -8.90 -3.10 -6.56
CA LEU A 72 -7.84 -3.82 -5.87
C LEU A 72 -8.37 -4.51 -4.62
N ILE A 73 -9.38 -3.90 -4.02
CA ILE A 73 -9.98 -4.43 -2.79
C ILE A 73 -10.82 -5.66 -3.10
N GLY A 74 -11.57 -5.59 -4.19
CA GLY A 74 -12.40 -6.70 -4.59
C GLY A 74 -13.75 -6.70 -3.90
N GLY A 75 -13.75 -7.16 -2.66
CA GLY A 75 -14.99 -7.24 -1.91
C GLY A 75 -14.89 -6.62 -0.54
N GLY A 76 -15.08 -5.31 -0.48
CA GLY A 76 -15.01 -4.63 0.80
C GLY A 76 -14.71 -3.16 0.62
N SER A 77 -14.53 -2.46 1.73
CA SER A 77 -14.22 -1.04 1.71
C SER A 77 -13.48 -0.63 2.98
N GLY A 78 -12.28 -0.09 2.81
CA GLY A 78 -11.50 0.37 3.94
C GLY A 78 -10.87 1.71 3.65
N THR A 79 -11.70 2.71 3.41
CA THR A 79 -11.26 4.01 2.95
C THR A 79 -10.48 4.76 4.03
N GLU A 80 -10.61 4.31 5.27
CA GLU A 80 -9.93 4.93 6.40
C GLU A 80 -8.41 4.91 6.21
N GLY A 81 -7.92 3.91 5.50
CA GLY A 81 -6.49 3.80 5.25
C GLY A 81 -6.14 4.18 3.83
N LEU A 82 -7.07 4.85 3.16
CA LEU A 82 -6.92 5.21 1.76
C LEU A 82 -6.57 6.68 1.62
N GLY A 83 -5.72 6.98 0.65
CA GLY A 83 -5.36 8.35 0.38
C GLY A 83 -4.22 8.46 -0.61
N LEU A 84 -3.44 9.52 -0.48
CA LEU A 84 -2.31 9.77 -1.38
C LEU A 84 -1.01 9.58 -0.62
N PHE A 85 -0.12 8.80 -1.17
CA PHE A 85 1.15 8.51 -0.51
C PHE A 85 2.30 9.12 -1.30
N ASN A 86 3.25 9.74 -0.59
CA ASN A 86 4.36 10.42 -1.24
C ASN A 86 5.68 9.80 -0.78
N GLN A 87 6.70 9.88 -1.65
CA GLN A 87 8.03 9.34 -1.35
C GLN A 87 7.94 7.82 -1.15
N CYS A 88 7.44 7.15 -2.18
CA CYS A 88 7.20 5.72 -2.10
C CYS A 88 8.20 4.93 -2.93
N SER A 89 8.69 3.84 -2.37
CA SER A 89 9.60 2.94 -3.06
C SER A 89 9.13 1.49 -2.88
N LYS A 90 9.30 0.67 -3.91
CA LYS A 90 8.85 -0.71 -3.88
C LYS A 90 9.75 -1.54 -2.97
N LEU A 91 9.15 -2.45 -2.21
CA LEU A 91 9.90 -3.32 -1.31
C LEU A 91 10.44 -4.53 -2.06
N ASP A 92 11.65 -4.94 -1.67
CA ASP A 92 12.27 -6.11 -2.26
C ASP A 92 11.63 -7.37 -1.72
N LEU A 93 11.30 -8.29 -2.60
CA LEU A 93 10.57 -9.49 -2.23
C LEU A 93 11.53 -10.53 -1.66
N GLN A 94 11.04 -11.31 -0.72
CA GLN A 94 11.83 -12.38 -0.12
C GLN A 94 11.70 -13.63 -0.96
N ILE A 95 12.74 -13.92 -1.72
CA ILE A 95 12.75 -15.06 -2.60
C ILE A 95 13.26 -16.29 -1.86
N PRO A 96 12.41 -17.32 -1.68
CA PRO A 96 12.78 -18.57 -0.98
C PRO A 96 14.02 -19.22 -1.57
N ILE A 97 15.05 -19.38 -0.75
CA ILE A 97 16.28 -20.03 -1.16
C ILE A 97 16.19 -21.52 -0.85
N ILE A 98 16.30 -22.34 -1.88
CA ILE A 98 16.27 -23.79 -1.71
C ILE A 98 17.48 -24.25 -0.92
N GLY A 99 17.32 -24.35 0.39
CA GLY A 99 18.42 -24.70 1.25
C GLY A 99 18.52 -23.78 2.44
N ILE A 100 18.15 -22.53 2.23
CA ILE A 100 18.14 -21.53 3.29
C ILE A 100 16.80 -20.81 3.32
N PRO A 101 15.87 -21.25 4.18
CA PRO A 101 14.53 -20.69 4.23
C PRO A 101 14.47 -19.39 5.01
N ILE A 102 14.79 -18.29 4.34
CA ILE A 102 14.77 -16.98 4.97
C ILE A 102 13.37 -16.39 4.89
N GLN A 103 12.89 -15.90 6.02
CA GLN A 103 11.60 -15.25 6.08
C GLN A 103 11.71 -13.96 6.88
N ASP A 104 12.01 -12.87 6.19
CA ASP A 104 12.29 -11.60 6.83
C ASP A 104 11.02 -10.82 7.14
N LEU A 105 10.94 -10.32 8.37
CA LEU A 105 9.79 -9.54 8.83
C LEU A 105 9.74 -8.19 8.11
N VAL A 106 8.57 -7.87 7.56
CA VAL A 106 8.40 -6.69 6.73
C VAL A 106 8.56 -5.40 7.55
N ASN A 107 8.10 -5.42 8.80
CA ASN A 107 8.25 -4.26 9.69
C ASN A 107 9.71 -4.07 10.09
N GLN A 108 10.50 -5.11 9.90
CA GLN A 108 11.88 -5.11 10.32
C GLN A 108 12.76 -4.48 9.26
N LYS A 109 12.32 -4.52 8.00
CA LYS A 109 13.12 -3.96 6.92
C LYS A 109 12.57 -2.60 6.47
N CYS A 110 11.33 -2.33 6.83
CA CYS A 110 10.75 -1.04 6.52
C CYS A 110 10.51 -0.24 7.80
N LYS A 111 11.07 0.97 7.87
CA LYS A 111 10.79 1.88 8.97
C LYS A 111 9.79 2.93 8.54
N GLN A 112 9.26 2.76 7.33
CA GLN A 112 8.32 3.69 6.73
C GLN A 112 6.92 3.06 6.69
N ASN A 113 5.92 3.86 6.37
CA ASN A 113 4.54 3.38 6.27
C ASN A 113 4.41 2.37 5.13
N ILE A 114 3.83 1.20 5.44
CA ILE A 114 3.66 0.15 4.43
C ILE A 114 2.26 0.22 3.83
N ALA A 115 2.18 0.34 2.51
CA ALA A 115 0.90 0.44 1.84
C ALA A 115 0.83 -0.45 0.62
N CYS A 116 -0.39 -0.78 0.20
CA CYS A 116 -0.63 -1.58 -0.98
C CYS A 116 -1.19 -0.70 -2.10
N CYS A 117 -0.42 -0.55 -3.16
CA CYS A 117 -0.80 0.34 -4.24
C CYS A 117 -1.17 -0.45 -5.49
N GLN A 118 -2.20 0.01 -6.20
CA GLN A 118 -2.69 -0.66 -7.39
C GLN A 118 -1.64 -0.60 -8.50
N ASN A 119 -1.23 -1.77 -8.99
CA ASN A 119 -0.14 -1.86 -9.96
C ASN A 119 -0.66 -1.67 -11.39
N SER A 120 -1.79 -1.02 -11.52
CA SER A 120 -2.37 -0.75 -12.83
C SER A 120 -1.63 0.40 -13.50
N PRO A 121 -1.44 0.32 -14.84
CA PRO A 121 -0.73 1.35 -15.60
C PRO A 121 -1.57 2.62 -15.78
N SER A 122 -1.94 3.22 -14.66
CA SER A 122 -2.69 4.46 -14.67
C SER A 122 -1.91 5.54 -15.38
N ASP A 123 -2.48 6.10 -16.43
CA ASP A 123 -1.77 7.08 -17.23
C ASP A 123 -1.79 8.46 -16.57
N ALA A 124 -0.86 8.65 -15.65
CA ALA A 124 -0.70 9.92 -14.98
C ALA A 124 0.74 10.41 -15.12
N SER A 125 1.08 10.87 -16.32
CA SER A 125 2.43 11.31 -16.60
C SER A 125 2.51 12.83 -16.57
N GLY A 126 1.97 13.42 -15.51
CA GLY A 126 2.02 14.85 -15.36
C GLY A 126 2.91 15.25 -14.19
N SER A 127 3.20 16.54 -14.09
CA SER A 127 3.99 17.06 -12.99
C SER A 127 3.07 17.68 -11.93
N LEU A 128 1.83 17.93 -12.33
CA LEU A 128 0.85 18.57 -11.44
C LEU A 128 0.25 17.56 -10.47
N ILE A 129 0.80 16.36 -10.46
CA ILE A 129 0.30 15.30 -9.59
C ILE A 129 1.26 15.06 -8.43
N GLY A 130 1.61 16.13 -7.74
CA GLY A 130 2.50 16.03 -6.59
C GLY A 130 1.76 15.62 -5.34
N LEU A 131 0.49 15.25 -5.52
CA LEU A 131 -0.34 14.80 -4.42
C LEU A 131 0.10 13.42 -3.96
N GLY A 132 0.63 12.65 -4.90
CA GLY A 132 1.10 11.31 -4.60
C GLY A 132 0.39 10.27 -5.44
N LEU A 133 0.54 9.02 -5.08
CA LEU A 133 -0.15 7.94 -5.77
C LEU A 133 -1.21 7.34 -4.86
N PRO A 134 -2.38 6.96 -5.43
CA PRO A 134 -3.46 6.32 -4.67
C PRO A 134 -3.00 4.98 -4.10
N CYS A 135 -3.12 4.84 -2.78
CA CYS A 135 -2.65 3.63 -2.12
C CYS A 135 -3.43 3.43 -0.83
N ILE A 136 -3.35 2.23 -0.26
CA ILE A 136 -4.04 1.93 0.98
C ILE A 136 -3.12 1.20 1.95
N ALA A 137 -3.15 1.61 3.21
CA ALA A 137 -2.36 0.97 4.25
C ALA A 137 -2.77 -0.49 4.41
N LEU A 138 -1.78 -1.40 4.36
CA LEU A 138 -2.04 -2.84 4.44
C LEU A 138 -2.68 -3.18 5.80
N GLY A 139 -2.36 -2.39 6.82
CA GLY A 139 -2.91 -2.62 8.15
C GLY A 139 -4.40 -2.37 8.21
N SER A 140 -4.94 -1.66 7.21
CA SER A 140 -6.37 -1.38 7.17
C SER A 140 -7.16 -2.61 6.71
N ILE A 141 -6.53 -3.47 5.92
CA ILE A 141 -7.19 -4.66 5.43
C ILE A 141 -6.72 -5.91 6.19
N LEU A 142 -5.81 -5.70 7.13
CA LEU A 142 -5.26 -6.78 7.96
C LEU A 142 -4.86 -8.00 7.13
N VAL A 22 1.37 6.60 10.40
CA VAL A 22 0.44 5.59 9.94
C VAL A 22 -0.60 5.28 11.03
N ARG A 23 -1.86 5.56 10.74
CA ARG A 23 -2.94 5.37 11.71
C ARG A 23 -3.27 3.88 11.88
N PHE A 24 -2.96 3.09 10.85
CA PHE A 24 -3.23 1.65 10.90
C PHE A 24 -1.95 0.88 10.59
N PRO A 25 -1.14 0.58 11.63
CA PRO A 25 0.13 -0.13 11.46
C PRO A 25 -0.07 -1.60 11.08
N VAL A 26 0.93 -2.15 10.38
CA VAL A 26 0.94 -3.55 10.02
C VAL A 26 1.68 -4.34 11.08
N PRO A 27 1.11 -5.48 11.55
CA PRO A 27 1.78 -6.36 12.52
C PRO A 27 3.20 -6.72 12.07
N ASP A 28 4.13 -6.67 13.01
CA ASP A 28 5.54 -6.83 12.71
C ASP A 28 5.90 -8.27 12.36
N ASP A 29 4.97 -9.19 12.57
CA ASP A 29 5.22 -10.60 12.35
C ASP A 29 4.82 -11.05 10.95
N ILE A 30 4.56 -10.08 10.07
CA ILE A 30 4.18 -10.38 8.69
C ILE A 30 5.40 -10.35 7.77
N THR A 31 5.55 -11.39 6.95
CA THR A 31 6.64 -11.43 5.97
C THR A 31 6.29 -10.59 4.74
N VAL A 32 7.31 -10.20 3.98
CA VAL A 32 7.07 -9.40 2.78
C VAL A 32 6.11 -10.12 1.84
N LYS A 33 6.34 -11.42 1.65
CA LYS A 33 5.50 -12.23 0.77
C LYS A 33 4.05 -12.27 1.27
N GLN A 34 3.86 -12.51 2.57
CA GLN A 34 2.51 -12.60 3.15
C GLN A 34 1.79 -11.26 3.07
N ALA A 35 2.50 -10.18 3.34
CA ALA A 35 1.93 -8.86 3.26
C ALA A 35 1.53 -8.52 1.84
N THR A 36 2.38 -8.89 0.89
CA THR A 36 2.12 -8.64 -0.52
C THR A 36 0.91 -9.43 -1.00
N GLU A 37 0.78 -10.66 -0.51
CA GLU A 37 -0.36 -11.51 -0.87
C GLU A 37 -1.67 -10.88 -0.43
N LYS A 38 -1.64 -10.18 0.69
CA LYS A 38 -2.82 -9.52 1.21
C LYS A 38 -3.14 -8.28 0.39
N CYS A 39 -2.11 -7.65 -0.17
CA CYS A 39 -2.29 -6.49 -1.03
C CYS A 39 -2.87 -6.90 -2.39
N GLY A 40 -2.70 -8.17 -2.73
CA GLY A 40 -3.16 -8.67 -4.01
C GLY A 40 -2.02 -8.99 -4.94
N ASP A 41 -2.32 -9.42 -6.16
CA ASP A 41 -1.30 -9.78 -7.13
C ASP A 41 -0.94 -8.59 -8.03
N GLN A 42 -1.75 -7.55 -8.00
CA GLN A 42 -1.51 -6.36 -8.81
C GLN A 42 -0.99 -5.22 -7.95
N ALA A 43 -0.57 -5.55 -6.74
CA ALA A 43 -0.14 -4.55 -5.79
C ALA A 43 1.22 -4.90 -5.21
N GLN A 44 2.03 -3.89 -4.98
CA GLN A 44 3.34 -4.09 -4.38
C GLN A 44 3.46 -3.26 -3.11
N LEU A 45 4.13 -3.83 -2.10
CA LEU A 45 4.34 -3.12 -0.84
C LEU A 45 5.23 -1.91 -1.04
N SER A 46 4.76 -0.79 -0.53
CA SER A 46 5.49 0.46 -0.65
C SER A 46 5.71 1.06 0.72
N CYS A 47 6.94 1.46 0.99
CA CYS A 47 7.27 2.15 2.23
C CYS A 47 7.26 3.66 2.01
N CYS A 48 6.34 4.34 2.67
CA CYS A 48 6.19 5.77 2.49
C CYS A 48 6.40 6.52 3.79
N ASN A 49 7.19 7.59 3.76
CA ASN A 49 7.49 8.36 4.95
C ASN A 49 6.39 9.41 5.21
N LYS A 50 5.63 9.74 4.17
CA LYS A 50 4.53 10.68 4.32
C LYS A 50 3.23 10.04 3.86
N ALA A 51 2.16 10.26 4.61
CA ALA A 51 0.87 9.67 4.31
C ALA A 51 -0.25 10.70 4.40
N THR A 52 -1.04 10.81 3.34
CA THR A 52 -2.22 11.66 3.35
C THR A 52 -3.46 10.81 3.08
N TYR A 53 -4.35 10.74 4.05
CA TYR A 53 -5.52 9.90 3.94
C TYR A 53 -6.71 10.70 3.42
N ALA A 54 -7.36 10.16 2.39
CA ALA A 54 -8.41 10.87 1.68
C ALA A 54 -9.62 11.11 2.57
N GLY A 55 -9.82 10.24 3.53
CA GLY A 55 -10.90 10.42 4.48
C GLY A 55 -10.72 11.66 5.35
N ASP A 56 -9.47 12.11 5.51
CA ASP A 56 -9.18 13.23 6.39
C ASP A 56 -9.02 14.53 5.60
N VAL A 57 -8.76 14.39 4.30
CA VAL A 57 -8.57 15.57 3.45
C VAL A 57 -9.69 15.69 2.42
N THR A 58 -10.21 16.89 2.28
CA THR A 58 -11.34 17.14 1.40
C THR A 58 -10.88 17.51 -0.01
N ASP A 59 -9.60 17.78 -0.14
CA ASP A 59 -9.02 18.21 -1.41
C ASP A 59 -8.81 17.05 -2.36
N ILE A 60 -9.05 15.85 -1.88
CA ILE A 60 -8.84 14.65 -2.67
C ILE A 60 -10.15 13.91 -2.88
N ASP A 61 -10.36 13.41 -4.09
CA ASP A 61 -11.58 12.68 -4.41
C ASP A 61 -11.47 11.25 -3.89
N GLU A 62 -12.09 11.03 -2.74
CA GLU A 62 -12.03 9.73 -2.07
C GLU A 62 -12.75 8.65 -2.87
N GLY A 63 -13.80 9.06 -3.58
CA GLY A 63 -14.62 8.10 -4.31
C GLY A 63 -13.86 7.41 -5.42
N ILE A 64 -13.01 8.15 -6.11
CA ILE A 64 -12.19 7.60 -7.18
C ILE A 64 -11.14 6.65 -6.61
N LEU A 65 -10.45 7.11 -5.58
CA LEU A 65 -9.41 6.32 -4.93
C LEU A 65 -9.98 5.04 -4.34
N ALA A 66 -11.11 5.17 -3.66
CA ALA A 66 -11.76 4.04 -3.03
C ALA A 66 -12.19 3.02 -4.08
N GLY A 67 -12.77 3.50 -5.17
CA GLY A 67 -13.21 2.61 -6.23
C GLY A 67 -12.07 1.83 -6.86
N THR A 68 -10.98 2.53 -7.14
CA THR A 68 -9.84 1.92 -7.80
C THR A 68 -9.08 0.99 -6.84
N LEU A 69 -8.90 1.42 -5.61
CA LEU A 69 -8.13 0.65 -4.64
C LEU A 69 -8.92 -0.56 -4.14
N LYS A 70 -10.25 -0.45 -4.17
CA LYS A 70 -11.12 -1.54 -3.73
C LYS A 70 -10.86 -2.81 -4.54
N ASN A 71 -10.42 -2.62 -5.78
CA ASN A 71 -10.15 -3.74 -6.69
C ASN A 71 -9.07 -4.65 -6.13
N LEU A 72 -8.22 -4.11 -5.26
CA LEU A 72 -7.17 -4.90 -4.63
C LEU A 72 -7.71 -5.58 -3.38
N ILE A 73 -8.61 -4.90 -2.69
CA ILE A 73 -9.20 -5.44 -1.47
C ILE A 73 -10.13 -6.60 -1.80
N GLY A 74 -10.90 -6.43 -2.86
CA GLY A 74 -11.85 -7.45 -3.26
C GLY A 74 -13.25 -7.13 -2.81
N GLY A 75 -13.58 -7.54 -1.60
CA GLY A 75 -14.92 -7.30 -1.07
C GLY A 75 -14.86 -6.61 0.28
N GLY A 76 -14.32 -5.40 0.30
CA GLY A 76 -14.22 -4.65 1.52
C GLY A 76 -13.88 -3.20 1.25
N SER A 77 -13.80 -2.40 2.30
CA SER A 77 -13.51 -0.98 2.16
C SER A 77 -12.69 -0.47 3.34
N GLY A 78 -11.71 0.37 3.05
CA GLY A 78 -10.88 0.95 4.09
C GLY A 78 -10.41 2.33 3.72
N THR A 79 -11.36 3.24 3.57
CA THR A 79 -11.10 4.57 3.07
C THR A 79 -10.31 5.43 4.05
N GLU A 80 -10.36 5.08 5.32
CA GLU A 80 -9.63 5.82 6.35
C GLU A 80 -8.14 5.55 6.27
N GLY A 81 -7.76 4.47 5.61
CA GLY A 81 -6.36 4.19 5.38
C GLY A 81 -5.99 4.34 3.92
N LEU A 82 -6.88 4.94 3.16
CA LEU A 82 -6.71 5.07 1.72
C LEU A 82 -6.45 6.53 1.37
N GLY A 83 -5.57 6.76 0.40
CA GLY A 83 -5.32 8.13 -0.03
C GLY A 83 -4.11 8.27 -0.91
N LEU A 84 -3.38 9.36 -0.73
CA LEU A 84 -2.24 9.68 -1.55
C LEU A 84 -0.98 9.63 -0.69
N PHE A 85 0.02 8.91 -1.15
CA PHE A 85 1.23 8.70 -0.37
C PHE A 85 2.44 9.31 -1.07
N ASN A 86 3.33 9.93 -0.29
CA ASN A 86 4.49 10.61 -0.84
C ASN A 86 5.77 10.07 -0.22
N GLN A 87 6.87 10.16 -0.95
CA GLN A 87 8.17 9.64 -0.50
C GLN A 87 8.08 8.14 -0.29
N CYS A 88 7.71 7.46 -1.36
CA CYS A 88 7.47 6.03 -1.31
C CYS A 88 8.60 5.25 -1.99
N SER A 89 9.10 4.25 -1.29
CA SER A 89 10.14 3.37 -1.81
C SER A 89 9.58 1.96 -1.96
N LYS A 90 9.84 1.33 -3.10
CA LYS A 90 9.30 0.01 -3.39
C LYS A 90 10.02 -1.06 -2.57
N LEU A 91 9.25 -2.03 -2.08
CA LEU A 91 9.82 -3.18 -1.43
C LEU A 91 9.85 -4.35 -2.40
N ASP A 92 11.04 -4.87 -2.65
CA ASP A 92 11.20 -5.95 -3.61
C ASP A 92 10.70 -7.25 -3.01
N LEU A 93 9.93 -7.99 -3.80
CA LEU A 93 9.25 -9.18 -3.33
C LEU A 93 10.21 -10.36 -3.26
N GLN A 94 10.16 -11.09 -2.16
CA GLN A 94 11.04 -12.22 -1.95
C GLN A 94 10.29 -13.52 -2.23
N ILE A 95 10.97 -14.44 -2.87
CA ILE A 95 10.36 -15.70 -3.25
C ILE A 95 10.73 -16.81 -2.27
N PRO A 96 9.73 -17.37 -1.57
CA PRO A 96 9.95 -18.50 -0.67
C PRO A 96 10.08 -19.80 -1.45
N ILE A 97 11.25 -20.00 -2.02
CA ILE A 97 11.54 -21.15 -2.87
C ILE A 97 11.41 -22.45 -2.10
N ILE A 98 10.67 -23.40 -2.66
CA ILE A 98 10.57 -24.73 -2.08
C ILE A 98 11.95 -25.37 -2.04
N GLY A 99 12.51 -25.46 -0.85
CA GLY A 99 13.88 -25.91 -0.70
C GLY A 99 14.70 -24.88 0.06
N ILE A 100 14.39 -23.63 -0.17
CA ILE A 100 15.06 -22.52 0.51
C ILE A 100 14.03 -21.69 1.27
N PRO A 101 13.66 -22.11 2.49
CA PRO A 101 12.64 -21.44 3.31
C PRO A 101 13.04 -20.02 3.70
N ILE A 102 12.71 -19.07 2.84
CA ILE A 102 12.95 -17.66 3.11
C ILE A 102 11.67 -17.01 3.63
N GLN A 103 11.73 -16.49 4.84
CA GLN A 103 10.56 -15.91 5.49
C GLN A 103 10.93 -14.63 6.23
N ASP A 104 11.27 -13.59 5.46
CA ASP A 104 11.72 -12.33 6.05
C ASP A 104 10.54 -11.42 6.35
N LEU A 105 10.59 -10.79 7.52
CA LEU A 105 9.52 -9.93 8.00
C LEU A 105 9.61 -8.55 7.34
N VAL A 106 8.46 -8.06 6.89
CA VAL A 106 8.37 -6.81 6.15
C VAL A 106 8.74 -5.60 7.03
N ASN A 107 8.26 -5.61 8.27
CA ASN A 107 8.55 -4.52 9.21
C ASN A 107 10.00 -4.56 9.68
N GLN A 108 10.70 -5.64 9.34
CA GLN A 108 12.05 -5.86 9.84
C GLN A 108 13.07 -5.12 8.98
N LYS A 109 12.74 -4.87 7.71
CA LYS A 109 13.65 -4.11 6.84
C LYS A 109 13.13 -2.71 6.58
N CYS A 110 11.86 -2.47 6.85
CA CYS A 110 11.27 -1.16 6.64
C CYS A 110 10.96 -0.49 7.97
N LYS A 111 11.35 0.78 8.11
CA LYS A 111 10.97 1.56 9.28
C LYS A 111 10.00 2.66 8.89
N GLN A 112 9.49 2.57 7.68
CA GLN A 112 8.55 3.54 7.15
C GLN A 112 7.16 2.90 7.08
N ASN A 113 6.14 3.72 6.82
CA ASN A 113 4.75 3.24 6.79
C ASN A 113 4.54 2.27 5.63
N ILE A 114 3.83 1.17 5.90
CA ILE A 114 3.59 0.14 4.89
C ILE A 114 2.24 0.36 4.20
N ALA A 115 2.24 0.43 2.88
CA ALA A 115 1.01 0.56 2.12
C ALA A 115 1.04 -0.28 0.85
N CYS A 116 -0.13 -0.66 0.37
CA CYS A 116 -0.26 -1.40 -0.88
C CYS A 116 -0.60 -0.42 -2.00
N CYS A 117 0.15 -0.46 -3.09
CA CYS A 117 -0.10 0.46 -4.19
C CYS A 117 -0.60 -0.28 -5.41
N GLN A 118 -1.56 0.33 -6.10
CA GLN A 118 -2.16 -0.27 -7.29
C GLN A 118 -1.31 0.00 -8.52
N ASN A 119 -1.21 -1.00 -9.39
CA ASN A 119 -0.42 -0.89 -10.62
C ASN A 119 -1.17 -0.08 -11.68
N SER A 120 -1.75 1.03 -11.26
CA SER A 120 -2.54 1.89 -12.13
C SER A 120 -1.69 2.40 -13.29
N PRO A 121 -2.22 2.37 -14.53
CA PRO A 121 -1.50 2.83 -15.73
C PRO A 121 -1.42 4.35 -15.81
N SER A 122 -0.96 4.96 -14.74
CA SER A 122 -0.84 6.40 -14.65
C SER A 122 0.26 6.73 -13.64
N ASP A 123 1.44 7.02 -14.14
CA ASP A 123 2.58 7.29 -13.27
C ASP A 123 2.90 8.77 -13.23
N ALA A 124 3.76 9.17 -12.29
CA ALA A 124 4.06 10.58 -12.07
C ALA A 124 4.69 11.21 -13.31
N SER A 125 5.72 10.58 -13.84
CA SER A 125 6.50 11.17 -14.91
C SER A 125 5.78 11.06 -16.25
N GLY A 126 4.85 10.12 -16.34
CA GLY A 126 4.14 9.90 -17.58
C GLY A 126 2.86 10.70 -17.67
N SER A 127 2.05 10.64 -16.63
CA SER A 127 0.76 11.31 -16.63
C SER A 127 0.86 12.71 -16.03
N LEU A 128 2.09 13.09 -15.68
CA LEU A 128 2.38 14.41 -15.10
C LEU A 128 1.63 14.61 -13.79
N ILE A 129 1.73 13.62 -12.91
CA ILE A 129 1.05 13.66 -11.62
C ILE A 129 2.02 13.30 -10.50
N GLY A 130 3.05 14.14 -10.32
CA GLY A 130 4.03 13.92 -9.28
C GLY A 130 3.51 14.31 -7.90
N LEU A 131 2.19 14.27 -7.76
CA LEU A 131 1.53 14.65 -6.52
C LEU A 131 1.74 13.57 -5.47
N GLY A 132 1.93 12.34 -5.93
CA GLY A 132 2.12 11.21 -5.06
C GLY A 132 1.66 9.93 -5.72
N LEU A 133 1.62 8.85 -4.97
CA LEU A 133 1.14 7.58 -5.49
C LEU A 133 -0.13 7.19 -4.74
N PRO A 134 -1.17 6.73 -5.45
CA PRO A 134 -2.37 6.22 -4.80
C PRO A 134 -2.10 4.86 -4.17
N CYS A 135 -2.30 4.78 -2.85
CA CYS A 135 -1.97 3.58 -2.11
C CYS A 135 -2.87 3.47 -0.89
N ILE A 136 -2.96 2.28 -0.29
CA ILE A 136 -3.77 2.09 0.89
C ILE A 136 -2.95 1.41 1.99
N ALA A 137 -3.09 1.88 3.22
CA ALA A 137 -2.41 1.29 4.36
C ALA A 137 -2.89 -0.14 4.58
N LEU A 138 -1.94 -1.08 4.58
CA LEU A 138 -2.26 -2.50 4.69
C LEU A 138 -2.94 -2.80 6.03
N GLY A 139 -2.66 -1.99 7.05
CA GLY A 139 -3.26 -2.19 8.34
C GLY A 139 -4.74 -1.85 8.35
N SER A 140 -5.20 -1.15 7.33
CA SER A 140 -6.61 -0.76 7.25
C SER A 140 -7.47 -1.88 6.68
N ILE A 141 -6.87 -2.77 5.90
CA ILE A 141 -7.64 -3.83 5.25
C ILE A 141 -7.45 -5.18 5.93
N LEU A 142 -6.84 -5.18 7.11
CA LEU A 142 -6.70 -6.39 7.89
C LEU A 142 -7.62 -6.34 9.11
#